data_8YOT
#
_entry.id   8YOT
#
_cell.length_a   1.00
_cell.length_b   1.00
_cell.length_c   1.00
_cell.angle_alpha   90.00
_cell.angle_beta   90.00
_cell.angle_gamma   90.00
#
_symmetry.space_group_name_H-M   'P 1'
#
loop_
_entity.id
_entity.type
_entity.pdbx_description
1 polymer nanobody
2 polymer LILRB3
#
loop_
_entity_poly.entity_id
_entity_poly.type
_entity_poly.pdbx_seq_one_letter_code
_entity_poly.pdbx_strand_id
1 'polypeptide(L)'
;QVQLQESGGGLVQAGGSLRLSCAASGSIFVYVPMGWYRQAPGKEREFVAAISLGSNTNYADSVKGRFTISRDNAKNTVYL
QMNSLKPEDTAVYYCAVTGLRIYPFVYWGQGTQVTVSSHHHHHH
;
A,C
2 'polypeptide(L)'
;MTPALTALLCLGLSLGPRTRVQAGPFPKPTLWAEPGSVISWGSPVTIWCQGSLEAQEYRLDKEGSPEPLDRNNPLEPKNK
ARFSIPSMTEHHAGRYRCHYYSSAGWSEPSDPLELVMTGFYNKPTLSALPSPVVASGGNMTLRCGSQKGYHHFVLMKEGE
HQLPRTLDSQQLHSGGFQALFPVGPVNPSHRWRFTCYYYYMNTPQVWSHPSDPLEILPSGVSRKPSLLTLQGPVLAPGQS
LTLQCGSDVGYDRFVLYKEGERDFLQRPGQQPQAGLSQANFTLGPVSRSHGGQYRCYGAHNLSSEWSAPSDPLNILMAGQ
IYDTVSLSAQPGPTVASGENVTLLCQSWWQFDTFLLTKEGAAHPPLRLRSMYGAHKYQAEFPMSPVTSAHAGTYRCYGSY
SSNPHLLSFPSEPLELMVSGHSGGSSLPPTGPPSTPGLGRYLELEGSDEVDAGSHHHHHHHHHHGSVEDYKDDDDK
;
B,D
#
# COMPACT_ATOMS: atom_id res chain seq x y z
N GLN A 3 -19.25 11.75 0.06
CA GLN A 3 -19.05 11.35 -1.33
C GLN A 3 -19.82 12.28 -2.28
N LEU A 4 -21.03 11.87 -2.66
CA LEU A 4 -21.86 12.63 -3.57
C LEU A 4 -23.16 13.01 -2.88
N GLN A 5 -23.54 14.28 -2.98
CA GLN A 5 -24.77 14.80 -2.39
C GLN A 5 -25.65 15.36 -3.50
N GLU A 6 -26.91 14.92 -3.55
CA GLU A 6 -27.84 15.31 -4.59
C GLU A 6 -28.81 16.37 -4.05
N SER A 7 -29.60 16.94 -4.95
CA SER A 7 -30.59 17.94 -4.60
C SER A 7 -31.62 18.03 -5.71
N GLY A 8 -32.59 18.92 -5.50
CA GLY A 8 -33.58 19.22 -6.52
C GLY A 8 -34.50 18.08 -6.91
N GLY A 9 -34.97 17.30 -5.93
CA GLY A 9 -35.88 16.21 -6.21
C GLY A 9 -37.31 16.68 -6.38
N GLY A 10 -38.27 15.84 -6.01
CA GLY A 10 -39.67 16.21 -6.06
C GLY A 10 -40.39 15.65 -7.27
N LEU A 11 -41.51 16.29 -7.58
CA LEU A 11 -42.37 15.83 -8.67
C LEU A 11 -43.14 17.02 -9.24
N VAL A 12 -43.58 16.86 -10.49
CA VAL A 12 -44.34 17.88 -11.20
C VAL A 12 -45.23 17.17 -12.21
N GLN A 13 -46.20 17.89 -12.76
CA GLN A 13 -47.10 17.34 -13.75
C GLN A 13 -46.44 17.35 -15.12
N ALA A 14 -47.13 16.82 -16.13
CA ALA A 14 -46.57 16.76 -17.47
C ALA A 14 -46.32 18.16 -18.01
N GLY A 15 -45.21 18.32 -18.71
CA GLY A 15 -44.81 19.61 -19.23
C GLY A 15 -44.09 20.50 -18.23
N GLY A 16 -43.84 20.02 -17.03
CA GLY A 16 -43.19 20.80 -16.00
C GLY A 16 -41.69 20.85 -16.19
N SER A 17 -41.01 21.34 -15.15
CA SER A 17 -39.56 21.49 -15.21
C SER A 17 -38.98 21.28 -13.81
N LEU A 18 -37.91 20.49 -13.75
CA LEU A 18 -37.17 20.24 -12.52
C LEU A 18 -35.69 20.38 -12.81
N ARG A 19 -34.93 20.71 -11.77
CA ARG A 19 -33.48 20.85 -11.89
C ARG A 19 -32.79 19.99 -10.84
N LEU A 20 -31.88 19.12 -11.29
CA LEU A 20 -31.11 18.29 -10.38
C LEU A 20 -29.73 18.89 -10.14
N SER A 21 -29.22 18.68 -8.94
CA SER A 21 -27.90 19.15 -8.56
C SER A 21 -27.13 18.02 -7.91
N CYS A 22 -25.82 18.04 -8.09
CA CYS A 22 -24.97 17.02 -7.48
C CYS A 22 -23.63 17.66 -7.13
N ALA A 23 -23.25 17.54 -5.85
CA ALA A 23 -21.99 18.06 -5.36
C ALA A 23 -21.10 16.90 -4.96
N ALA A 24 -19.81 17.04 -5.24
CA ALA A 24 -18.85 15.96 -5.07
C ALA A 24 -17.82 16.33 -4.01
N SER A 25 -17.46 15.37 -3.18
CA SER A 25 -16.44 15.56 -2.15
C SER A 25 -15.81 14.21 -1.82
N GLY A 26 -14.58 14.25 -1.33
CA GLY A 26 -13.87 13.07 -0.87
C GLY A 26 -12.65 12.69 -1.67
N SER A 27 -12.57 13.10 -2.94
CA SER A 27 -11.44 12.75 -3.79
C SER A 27 -11.36 13.77 -4.93
N ILE A 28 -10.54 13.45 -5.93
CA ILE A 28 -10.38 14.29 -7.11
C ILE A 28 -11.41 13.85 -8.14
N PHE A 29 -12.34 14.75 -8.47
CA PHE A 29 -13.40 14.48 -9.43
C PHE A 29 -13.37 15.46 -10.60
N VAL A 30 -12.29 16.22 -10.74
CA VAL A 30 -12.18 17.22 -11.79
C VAL A 30 -12.06 16.58 -13.16
N TYR A 31 -11.35 15.47 -13.26
CA TYR A 31 -10.92 14.92 -14.54
C TYR A 31 -11.83 13.81 -15.08
N VAL A 32 -12.92 13.49 -14.39
CA VAL A 32 -13.78 12.39 -14.81
C VAL A 32 -15.17 12.91 -15.16
N PRO A 33 -15.90 12.25 -16.04
CA PRO A 33 -17.27 12.70 -16.35
C PRO A 33 -18.21 12.53 -15.17
N MET A 34 -19.19 13.42 -15.10
CA MET A 34 -20.22 13.38 -14.08
C MET A 34 -21.58 13.50 -14.76
N GLY A 35 -22.58 12.84 -14.21
CA GLY A 35 -23.88 12.80 -14.84
C GLY A 35 -24.88 12.00 -14.05
N TRP A 36 -25.93 11.56 -14.72
CA TRP A 36 -27.08 10.95 -14.09
C TRP A 36 -27.44 9.65 -14.78
N TYR A 37 -27.68 8.61 -13.98
CA TYR A 37 -28.37 7.40 -14.42
C TYR A 37 -29.68 7.32 -13.68
N ARG A 38 -30.64 6.58 -14.22
CA ARG A 38 -31.93 6.44 -13.57
C ARG A 38 -32.39 4.98 -13.60
N GLN A 39 -32.93 4.52 -12.47
CA GLN A 39 -33.65 3.26 -12.39
C GLN A 39 -35.08 3.47 -12.90
N ALA A 40 -35.92 2.46 -12.70
CA ALA A 40 -37.34 2.55 -13.03
C ALA A 40 -38.04 1.40 -12.36
N PRO A 41 -39.36 1.50 -12.15
CA PRO A 41 -40.10 0.36 -11.59
C PRO A 41 -40.05 -0.85 -12.51
N GLY A 42 -39.36 -1.91 -12.09
CA GLY A 42 -39.24 -3.11 -12.87
C GLY A 42 -38.20 -3.07 -13.97
N LYS A 43 -37.36 -2.04 -14.03
CA LYS A 43 -36.35 -1.96 -15.07
C LYS A 43 -34.96 -1.75 -14.48
N GLU A 44 -33.98 -1.48 -15.34
CA GLU A 44 -32.58 -1.35 -14.93
C GLU A 44 -32.13 0.09 -15.07
N ARG A 45 -30.89 0.35 -14.63
CA ARG A 45 -30.30 1.67 -14.74
C ARG A 45 -29.85 1.93 -16.16
N GLU A 46 -30.48 2.90 -16.81
CA GLU A 46 -30.05 3.38 -18.10
C GLU A 46 -29.15 4.60 -17.92
N PHE A 47 -28.64 5.12 -19.02
CA PHE A 47 -27.84 6.34 -19.02
C PHE A 47 -28.74 7.51 -19.40
N VAL A 48 -28.53 8.65 -18.74
CA VAL A 48 -29.32 9.84 -19.03
C VAL A 48 -28.45 10.91 -19.66
N ALA A 49 -27.46 11.40 -18.93
CA ALA A 49 -26.64 12.50 -19.40
C ALA A 49 -25.32 12.50 -18.66
N ALA A 50 -24.32 13.13 -19.28
CA ALA A 50 -23.01 13.26 -18.66
C ALA A 50 -22.29 14.44 -19.28
N ILE A 51 -21.31 14.96 -18.55
CA ILE A 51 -20.43 16.02 -19.04
C ILE A 51 -19.04 15.78 -18.46
N SER A 52 -18.02 16.08 -19.24
CA SER A 52 -16.64 15.84 -18.84
C SER A 52 -15.88 17.16 -18.74
N LEU A 53 -14.57 17.04 -18.56
CA LEU A 53 -13.71 18.21 -18.35
C LEU A 53 -13.73 19.14 -19.56
N GLY A 54 -13.69 18.58 -20.77
CA GLY A 54 -13.64 19.38 -21.96
C GLY A 54 -14.97 20.02 -22.32
N SER A 55 -15.90 20.01 -21.36
CA SER A 55 -17.25 20.55 -21.51
C SER A 55 -18.05 19.82 -22.60
N ASN A 56 -17.58 18.66 -23.03
CA ASN A 56 -18.35 17.83 -23.94
C ASN A 56 -19.48 17.13 -23.18
N THR A 57 -20.64 17.07 -23.81
CA THR A 57 -21.83 16.51 -23.20
C THR A 57 -22.23 15.23 -23.90
N ASN A 58 -22.85 14.32 -23.14
CA ASN A 58 -23.41 13.10 -23.68
C ASN A 58 -24.86 13.01 -23.25
N TYR A 59 -25.75 12.68 -24.18
CA TYR A 59 -27.18 12.62 -23.92
C TYR A 59 -27.75 11.33 -24.47
N ALA A 60 -28.61 10.69 -23.69
CA ALA A 60 -29.36 9.55 -24.18
C ALA A 60 -30.38 10.00 -25.24
N ASP A 61 -30.67 9.10 -26.18
CA ASP A 61 -31.59 9.42 -27.26
C ASP A 61 -33.00 9.73 -26.76
N SER A 62 -33.40 9.18 -25.62
CA SER A 62 -34.74 9.41 -25.10
C SER A 62 -34.91 10.80 -24.51
N VAL A 63 -33.83 11.50 -24.19
CA VAL A 63 -33.88 12.84 -23.62
C VAL A 63 -33.06 13.83 -24.46
N LYS A 64 -32.80 13.50 -25.72
CA LYS A 64 -32.00 14.37 -26.58
C LYS A 64 -32.79 15.62 -26.93
N GLY A 65 -32.20 16.79 -26.69
CA GLY A 65 -32.87 18.04 -26.96
C GLY A 65 -33.93 18.42 -25.96
N ARG A 66 -34.02 17.72 -24.83
CA ARG A 66 -35.04 18.01 -23.83
C ARG A 66 -34.39 18.26 -22.48
N PHE A 67 -33.27 17.61 -22.22
CA PHE A 67 -32.50 17.79 -21.00
C PHE A 67 -31.20 18.52 -21.33
N THR A 68 -30.77 19.37 -20.40
CA THR A 68 -29.52 20.10 -20.53
C THR A 68 -28.69 19.89 -19.27
N ILE A 69 -27.44 19.46 -19.45
CA ILE A 69 -26.53 19.25 -18.34
C ILE A 69 -25.49 20.35 -18.35
N SER A 70 -25.08 20.77 -17.16
CA SER A 70 -24.06 21.80 -17.00
C SER A 70 -23.20 21.46 -15.80
N ARG A 71 -21.97 21.95 -15.82
CA ARG A 71 -20.98 21.59 -14.82
C ARG A 71 -20.29 22.84 -14.29
N ASP A 72 -19.98 22.82 -13.00
CA ASP A 72 -19.18 23.86 -12.35
C ASP A 72 -17.87 23.21 -11.90
N ASN A 73 -16.80 23.42 -12.67
CA ASN A 73 -15.53 22.79 -12.38
C ASN A 73 -14.92 23.27 -11.07
N ALA A 74 -15.34 24.44 -10.58
CA ALA A 74 -14.75 24.98 -9.36
C ALA A 74 -15.22 24.23 -8.11
N LYS A 75 -16.50 23.89 -8.04
CA LYS A 75 -17.08 23.26 -6.86
C LYS A 75 -17.40 21.78 -7.08
N ASN A 76 -16.98 21.23 -8.21
CA ASN A 76 -17.24 19.84 -8.57
C ASN A 76 -18.74 19.54 -8.51
N THR A 77 -19.53 20.44 -9.07
CA THR A 77 -20.98 20.35 -9.01
C THR A 77 -21.56 20.37 -10.42
N VAL A 78 -22.50 19.46 -10.68
CA VAL A 78 -23.14 19.33 -11.98
C VAL A 78 -24.62 19.62 -11.82
N TYR A 79 -25.24 20.09 -12.91
CA TYR A 79 -26.64 20.46 -12.92
C TYR A 79 -27.33 19.81 -14.11
N LEU A 80 -28.58 19.39 -13.90
CA LEU A 80 -29.42 18.84 -14.96
C LEU A 80 -30.65 19.73 -15.10
N GLN A 81 -30.93 20.18 -16.32
CA GLN A 81 -32.07 21.04 -16.61
C GLN A 81 -33.08 20.22 -17.40
N MET A 82 -34.03 19.62 -16.70
CA MET A 82 -35.06 18.80 -17.33
C MET A 82 -36.24 19.68 -17.72
N ASN A 83 -36.58 19.67 -19.00
CA ASN A 83 -37.69 20.44 -19.54
C ASN A 83 -38.59 19.52 -20.35
N SER A 84 -39.86 19.92 -20.48
CA SER A 84 -40.87 19.14 -21.19
C SER A 84 -40.96 17.73 -20.63
N LEU A 85 -41.23 17.65 -19.33
CA LEU A 85 -41.19 16.38 -18.61
C LEU A 85 -42.35 15.50 -19.04
N LYS A 86 -42.04 14.41 -19.75
CA LYS A 86 -43.04 13.44 -20.14
C LYS A 86 -43.30 12.46 -19.00
N PRO A 87 -44.47 11.81 -18.98
CA PRO A 87 -44.79 10.89 -17.88
C PRO A 87 -43.83 9.72 -17.73
N GLU A 88 -43.16 9.30 -18.81
CA GLU A 88 -42.23 8.19 -18.73
C GLU A 88 -40.86 8.59 -18.19
N ASP A 89 -40.75 9.79 -17.62
CA ASP A 89 -39.54 10.21 -16.93
C ASP A 89 -39.60 9.91 -15.43
N THR A 90 -40.70 9.34 -14.96
CA THR A 90 -40.87 9.00 -13.54
C THR A 90 -39.86 7.93 -13.17
N ALA A 91 -38.86 8.28 -12.37
CA ALA A 91 -37.78 7.36 -12.07
C ALA A 91 -36.99 7.87 -10.87
N VAL A 92 -36.05 7.06 -10.44
CA VAL A 92 -35.10 7.42 -9.39
C VAL A 92 -33.77 7.71 -10.06
N TYR A 93 -33.36 8.98 -10.06
CA TYR A 93 -32.16 9.39 -10.78
C TYR A 93 -30.95 9.33 -9.85
N TYR A 94 -29.86 8.77 -10.35
CA TYR A 94 -28.64 8.54 -9.57
C TYR A 94 -27.52 9.40 -10.14
N CYS A 95 -26.90 10.22 -9.29
CA CYS A 95 -25.69 10.92 -9.69
C CYS A 95 -24.53 9.92 -9.75
N ALA A 96 -23.73 10.04 -10.80
CA ALA A 96 -22.69 9.06 -11.05
C ALA A 96 -21.38 9.75 -11.42
N VAL A 97 -20.28 9.20 -10.93
CA VAL A 97 -18.93 9.58 -11.36
C VAL A 97 -18.39 8.39 -12.13
N THR A 98 -18.34 8.52 -13.45
CA THR A 98 -17.93 7.44 -14.34
C THR A 98 -16.55 7.74 -14.94
N GLY A 99 -16.04 6.77 -15.70
CA GLY A 99 -14.74 6.92 -16.30
C GLY A 99 -13.57 6.76 -15.34
N LEU A 100 -13.75 5.99 -14.27
CA LEU A 100 -12.66 5.78 -13.32
C LEU A 100 -11.53 4.91 -13.89
N ARG A 101 -11.84 4.03 -14.84
CA ARG A 101 -10.88 3.17 -15.54
C ARG A 101 -10.38 2.04 -14.65
N ILE A 102 -10.73 2.07 -13.37
CA ILE A 102 -10.34 1.05 -12.40
C ILE A 102 -11.54 0.77 -11.51
N TYR A 103 -11.47 -0.34 -10.80
CA TYR A 103 -12.53 -0.70 -9.86
C TYR A 103 -12.68 0.40 -8.82
N PRO A 104 -13.92 0.78 -8.44
CA PRO A 104 -15.21 0.18 -8.81
C PRO A 104 -15.85 0.72 -10.09
N PHE A 105 -15.13 1.53 -10.86
CA PHE A 105 -15.53 2.06 -12.15
C PHE A 105 -16.64 3.09 -12.06
N VAL A 106 -17.28 3.22 -10.91
CA VAL A 106 -18.40 4.15 -10.71
C VAL A 106 -18.40 4.62 -9.27
N TYR A 107 -18.91 5.82 -9.06
CA TYR A 107 -19.31 6.31 -7.75
C TYR A 107 -20.74 6.78 -7.86
N TRP A 108 -21.64 6.19 -7.07
CA TRP A 108 -23.06 6.46 -7.17
C TRP A 108 -23.51 7.45 -6.10
N GLY A 109 -24.57 8.18 -6.40
CA GLY A 109 -25.26 8.97 -5.41
C GLY A 109 -26.36 8.16 -4.74
N GLN A 110 -26.80 8.63 -3.57
CA GLN A 110 -27.83 7.89 -2.83
C GLN A 110 -29.14 7.82 -3.60
N GLY A 111 -29.41 8.80 -4.45
CA GLY A 111 -30.58 8.77 -5.31
C GLY A 111 -31.57 9.88 -4.96
N THR A 112 -32.39 10.19 -5.96
CA THR A 112 -33.46 11.17 -5.79
C THR A 112 -34.66 10.69 -6.59
N GLN A 113 -35.84 11.09 -6.14
CA GLN A 113 -37.10 10.62 -6.71
C GLN A 113 -37.69 11.68 -7.62
N VAL A 114 -37.99 11.30 -8.86
CA VAL A 114 -38.72 12.14 -9.81
C VAL A 114 -39.98 11.37 -10.19
N THR A 115 -41.14 12.00 -10.00
CA THR A 115 -42.43 11.35 -10.15
C THR A 115 -43.32 12.15 -11.10
N VAL A 116 -42.78 12.50 -12.26
CA VAL A 116 -43.52 13.25 -13.26
C VAL A 116 -44.75 12.43 -13.67
N SER A 117 -45.94 12.99 -13.45
CA SER A 117 -47.18 12.29 -13.74
C SER A 117 -48.22 13.23 -14.34
N PRO B 29 26.85 -35.10 26.42
CA PRO B 29 25.42 -35.03 26.76
C PRO B 29 24.59 -34.36 25.68
N THR B 30 23.33 -34.74 25.57
CA THR B 30 22.42 -34.21 24.56
C THR B 30 21.16 -33.66 25.21
N LEU B 31 20.47 -32.78 24.47
CA LEU B 31 19.27 -32.14 24.96
C LEU B 31 18.29 -31.99 23.80
N TRP B 32 17.04 -32.34 24.04
CA TRP B 32 16.03 -32.28 22.99
C TRP B 32 14.64 -32.14 23.63
N ALA B 33 13.65 -31.90 22.78
CA ALA B 33 12.25 -31.82 23.20
C ALA B 33 11.43 -32.78 22.36
N GLU B 34 10.50 -33.49 23.00
CA GLU B 34 9.75 -34.53 22.30
C GLU B 34 8.80 -33.96 21.24
N PRO B 35 7.86 -33.08 21.60
CA PRO B 35 6.97 -32.55 20.56
C PRO B 35 7.71 -31.74 19.52
N GLY B 36 8.80 -31.09 19.90
CA GLY B 36 9.57 -30.27 18.98
C GLY B 36 10.09 -29.04 19.68
N SER B 37 11.01 -28.36 19.00
CA SER B 37 11.59 -27.13 19.53
C SER B 37 10.73 -25.90 19.24
N VAL B 38 9.69 -26.04 18.44
CA VAL B 38 8.78 -24.95 18.12
C VAL B 38 7.43 -25.32 18.71
N ILE B 39 7.00 -24.57 19.72
CA ILE B 39 5.81 -24.91 20.51
C ILE B 39 4.86 -23.72 20.50
N SER B 40 3.60 -23.99 20.22
CA SER B 40 2.58 -22.96 20.27
C SER B 40 2.32 -22.54 21.70
N TRP B 41 1.80 -21.32 21.87
CA TRP B 41 1.53 -20.79 23.20
C TRP B 41 0.50 -21.64 23.93
N GLY B 42 0.78 -21.92 25.19
CA GLY B 42 -0.15 -22.66 26.03
C GLY B 42 -0.37 -24.11 25.64
N SER B 43 0.70 -24.81 25.25
CA SER B 43 0.61 -26.23 24.95
C SER B 43 1.76 -26.96 25.63
N PRO B 44 1.56 -28.22 26.00
CA PRO B 44 2.60 -28.95 26.74
C PRO B 44 3.85 -29.18 25.92
N VAL B 45 4.99 -29.17 26.60
CA VAL B 45 6.29 -29.46 26.00
C VAL B 45 7.16 -30.10 27.05
N THR B 46 7.92 -31.12 26.66
CA THR B 46 8.77 -31.87 27.58
C THR B 46 10.20 -31.83 27.09
N ILE B 47 11.13 -31.50 27.99
CA ILE B 47 12.54 -31.43 27.69
C ILE B 47 13.24 -32.63 28.33
N TRP B 48 14.00 -33.37 27.53
CA TRP B 48 14.72 -34.54 27.99
C TRP B 48 16.21 -34.32 27.84
N CYS B 49 16.98 -34.79 28.83
CA CYS B 49 18.42 -34.72 28.80
C CYS B 49 19.00 -36.13 28.97
N GLN B 50 20.14 -36.36 28.33
CA GLN B 50 20.82 -37.66 28.39
C GLN B 50 22.25 -37.45 28.87
N GLY B 51 22.66 -38.25 29.85
CA GLY B 51 23.99 -38.22 30.40
C GLY B 51 24.86 -39.35 29.87
N SER B 52 25.75 -39.83 30.73
CA SER B 52 26.65 -40.94 30.40
C SER B 52 26.25 -42.22 31.12
N LEU B 53 24.94 -42.43 31.29
CA LEU B 53 24.38 -43.67 31.83
C LEU B 53 24.63 -43.76 33.33
N GLU B 54 25.41 -42.82 33.88
CA GLU B 54 25.74 -42.81 35.30
C GLU B 54 25.91 -41.37 35.75
N ALA B 55 24.93 -40.85 36.48
CA ALA B 55 24.98 -39.50 37.02
C ALA B 55 24.06 -39.41 38.22
N GLN B 56 24.48 -38.63 39.22
CA GLN B 56 23.69 -38.49 40.44
C GLN B 56 22.44 -37.65 40.20
N GLU B 57 22.57 -36.54 39.51
CA GLU B 57 21.44 -35.64 39.27
C GLU B 57 21.77 -34.70 38.12
N TYR B 58 20.79 -34.46 37.26
CA TYR B 58 20.93 -33.50 36.17
C TYR B 58 20.49 -32.12 36.65
N ARG B 59 21.00 -31.10 35.97
CA ARG B 59 20.57 -29.72 36.22
C ARG B 59 20.39 -29.01 34.88
N LEU B 60 19.39 -28.13 34.84
CA LEU B 60 19.06 -27.38 33.63
C LEU B 60 19.21 -25.89 33.92
N ASP B 61 19.91 -25.18 33.05
CA ASP B 61 20.12 -23.74 33.22
C ASP B 61 19.69 -23.02 31.96
N LYS B 62 18.64 -22.21 32.08
CA LYS B 62 18.28 -21.30 30.99
C LYS B 62 19.33 -20.22 30.86
N GLU B 63 19.65 -19.85 29.62
CA GLU B 63 20.72 -18.88 29.38
C GLU B 63 20.27 -17.50 29.83
N GLY B 64 21.00 -16.93 30.79
CA GLY B 64 20.76 -15.57 31.24
C GLY B 64 19.79 -15.43 32.39
N SER B 65 18.50 -15.60 32.12
CA SER B 65 17.47 -15.29 33.10
C SER B 65 17.44 -16.30 34.24
N PRO B 66 17.10 -17.55 33.98
CA PRO B 66 16.90 -18.50 35.10
C PRO B 66 18.17 -19.20 35.53
N GLU B 67 18.54 -19.03 36.80
CA GLU B 67 19.68 -19.74 37.36
C GLU B 67 19.36 -21.22 37.55
N PRO B 68 18.43 -21.56 38.45
CA PRO B 68 18.11 -22.97 38.68
C PRO B 68 16.89 -23.45 37.91
N LEU B 69 16.81 -24.77 37.69
CA LEU B 69 15.64 -25.39 37.08
C LEU B 69 15.71 -26.88 37.33
N ASP B 70 14.65 -27.46 37.91
CA ASP B 70 14.63 -28.87 38.24
C ASP B 70 13.21 -29.41 38.11
N ARG B 71 13.12 -30.70 37.84
CA ARG B 71 11.84 -31.38 37.72
C ARG B 71 12.01 -32.89 37.82
N LYS B 78 17.69 -45.85 33.81
CA LYS B 78 17.13 -44.51 33.66
C LYS B 78 18.25 -43.48 33.49
N ASN B 79 18.73 -43.34 32.25
CA ASN B 79 19.75 -42.35 31.91
C ASN B 79 19.16 -41.06 31.37
N LYS B 80 17.91 -40.75 31.72
CA LYS B 80 17.22 -39.58 31.22
C LYS B 80 16.54 -38.84 32.36
N ALA B 81 16.32 -37.54 32.16
CA ALA B 81 15.56 -36.72 33.10
C ALA B 81 14.45 -35.99 32.35
N ARG B 82 13.34 -35.80 33.04
CA ARG B 82 12.14 -35.20 32.45
C ARG B 82 11.92 -33.83 33.08
N PHE B 83 11.89 -32.80 32.24
CA PHE B 83 11.67 -31.41 32.66
C PHE B 83 10.42 -30.93 31.94
N SER B 84 9.26 -31.16 32.55
CA SER B 84 7.99 -30.89 31.91
C SER B 84 7.57 -29.44 32.08
N ILE B 85 6.90 -28.92 31.06
CA ILE B 85 6.29 -27.59 31.09
C ILE B 85 4.82 -27.76 30.73
N PRO B 86 3.91 -27.79 31.71
CA PRO B 86 2.49 -28.04 31.39
C PRO B 86 1.88 -27.00 30.47
N SER B 87 2.29 -25.73 30.57
CA SER B 87 1.78 -24.68 29.70
C SER B 87 2.96 -23.83 29.25
N MET B 88 3.17 -23.75 27.94
CA MET B 88 4.29 -23.00 27.39
C MET B 88 3.98 -21.51 27.41
N THR B 89 4.84 -20.74 28.05
CA THR B 89 4.72 -19.29 28.14
C THR B 89 6.03 -18.65 27.69
N GLU B 90 6.02 -17.33 27.55
CA GLU B 90 7.19 -16.61 27.06
C GLU B 90 8.34 -16.62 28.05
N HIS B 91 8.10 -16.99 29.31
CA HIS B 91 9.19 -17.10 30.27
C HIS B 91 10.03 -18.35 30.04
N HIS B 92 9.47 -19.35 29.37
CA HIS B 92 10.18 -20.60 29.09
C HIS B 92 10.93 -20.57 27.76
N ALA B 93 10.75 -19.53 26.96
CA ALA B 93 11.39 -19.45 25.65
C ALA B 93 12.81 -18.95 25.80
N GLY B 94 13.77 -19.67 25.23
CA GLY B 94 15.15 -19.23 25.26
C GLY B 94 16.09 -20.38 24.95
N ARG B 95 17.33 -20.23 25.41
CA ARG B 95 18.36 -21.23 25.24
C ARG B 95 18.46 -22.09 26.49
N TYR B 96 18.61 -23.39 26.30
CA TYR B 96 18.70 -24.34 27.40
C TYR B 96 19.97 -25.17 27.25
N ARG B 97 20.65 -25.40 28.36
CA ARG B 97 21.82 -26.26 28.42
C ARG B 97 21.64 -27.26 29.54
N CYS B 98 22.35 -28.39 29.43
CA CYS B 98 22.21 -29.47 30.39
C CYS B 98 23.59 -29.92 30.86
N HIS B 99 23.71 -30.13 32.18
CA HIS B 99 24.91 -30.68 32.79
C HIS B 99 24.52 -31.84 33.68
N TYR B 100 25.22 -32.96 33.53
CA TYR B 100 25.05 -34.12 34.39
C TYR B 100 26.25 -34.24 35.31
N TYR B 101 25.98 -34.40 36.61
CA TYR B 101 27.03 -34.49 37.61
C TYR B 101 27.40 -35.96 37.81
N SER B 102 28.63 -36.30 37.50
CA SER B 102 29.15 -37.65 37.71
C SER B 102 29.91 -37.70 39.04
N SER B 103 30.58 -38.82 39.29
CA SER B 103 31.40 -38.95 40.49
C SER B 103 32.67 -38.12 40.41
N ALA B 104 33.15 -37.82 39.21
CA ALA B 104 34.39 -37.07 39.03
C ALA B 104 34.17 -35.56 38.97
N GLY B 105 32.92 -35.10 38.95
CA GLY B 105 32.60 -33.68 38.92
C GLY B 105 31.64 -33.37 37.80
N TRP B 106 31.43 -32.08 37.58
CA TRP B 106 30.53 -31.63 36.52
C TRP B 106 31.11 -31.94 35.15
N SER B 107 30.24 -32.28 34.22
CA SER B 107 30.64 -32.69 32.89
C SER B 107 30.67 -31.48 31.95
N GLU B 108 30.82 -31.73 30.66
CA GLU B 108 30.85 -30.67 29.66
C GLU B 108 29.44 -30.13 29.42
N PRO B 109 29.33 -28.85 29.07
CA PRO B 109 28.02 -28.30 28.72
C PRO B 109 27.43 -28.97 27.49
N SER B 110 26.12 -29.13 27.51
CA SER B 110 25.42 -29.80 26.42
C SER B 110 25.26 -28.85 25.24
N ASP B 111 24.75 -29.38 24.14
CA ASP B 111 24.45 -28.58 22.97
C ASP B 111 23.25 -27.68 23.29
N PRO B 112 23.34 -26.36 23.10
CA PRO B 112 22.22 -25.49 23.44
C PRO B 112 20.96 -25.83 22.64
N LEU B 113 19.82 -25.71 23.30
CA LEU B 113 18.51 -25.98 22.70
C LEU B 113 17.70 -24.70 22.67
N GLU B 114 17.22 -24.33 21.48
CA GLU B 114 16.33 -23.18 21.33
C GLU B 114 14.89 -23.67 21.46
N LEU B 115 14.26 -23.37 22.59
CA LEU B 115 12.85 -23.70 22.80
C LEU B 115 12.04 -22.48 22.37
N VAL B 116 11.49 -22.53 21.16
CA VAL B 116 10.82 -21.40 20.55
C VAL B 116 9.33 -21.46 20.86
N MET B 117 8.77 -20.34 21.31
CA MET B 117 7.34 -20.17 21.45
C MET B 117 6.79 -19.39 20.27
N THR B 118 5.66 -19.85 19.75
CA THR B 118 4.96 -19.17 18.66
C THR B 118 3.56 -18.79 19.11
N GLY B 119 2.96 -17.87 18.36
CA GLY B 119 1.63 -17.39 18.65
C GLY B 119 1.55 -16.17 19.53
N PHE B 120 2.61 -15.37 19.62
CA PHE B 120 2.62 -14.20 20.47
C PHE B 120 2.18 -12.93 19.75
N TYR B 121 2.19 -12.93 18.43
CA TYR B 121 1.82 -11.77 17.63
C TYR B 121 0.90 -12.20 16.52
N ASN B 122 0.23 -11.23 15.90
CA ASN B 122 -0.59 -11.50 14.74
C ASN B 122 0.28 -12.07 13.62
N LYS B 123 -0.28 -13.03 12.89
CA LYS B 123 0.50 -13.75 11.89
C LYS B 123 0.87 -12.85 10.72
N PRO B 124 1.97 -13.13 10.04
CA PRO B 124 2.31 -12.40 8.82
C PRO B 124 1.56 -12.99 7.61
N THR B 125 1.80 -12.38 6.46
CA THR B 125 1.30 -12.89 5.19
C THR B 125 2.44 -13.55 4.43
N LEU B 126 2.10 -14.50 3.57
CA LEU B 126 3.07 -15.23 2.79
C LEU B 126 2.52 -15.47 1.39
N SER B 127 3.25 -15.03 0.38
CA SER B 127 2.83 -15.20 -1.01
C SER B 127 4.03 -15.53 -1.87
N ALA B 128 3.76 -16.15 -3.02
CA ALA B 128 4.77 -16.46 -4.02
C ALA B 128 4.86 -15.30 -5.00
N LEU B 129 6.10 -14.91 -5.36
CA LEU B 129 6.26 -13.66 -6.10
C LEU B 129 5.72 -13.76 -7.51
N PRO B 130 6.25 -14.59 -8.42
CA PRO B 130 5.55 -14.73 -9.71
C PRO B 130 4.23 -15.46 -9.53
N SER B 131 4.28 -16.66 -8.97
CA SER B 131 3.09 -17.50 -8.78
C SER B 131 3.50 -18.71 -7.96
N PRO B 132 2.53 -19.38 -7.32
CA PRO B 132 2.85 -20.67 -6.68
C PRO B 132 3.21 -21.77 -7.66
N VAL B 133 2.91 -21.61 -8.95
CA VAL B 133 3.29 -22.57 -9.97
C VAL B 133 4.70 -22.22 -10.43
N VAL B 134 5.61 -23.17 -10.28
CA VAL B 134 6.98 -23.03 -10.72
C VAL B 134 7.35 -24.24 -11.56
N ALA B 135 8.33 -24.06 -12.44
CA ALA B 135 8.79 -25.19 -13.24
C ALA B 135 9.51 -26.21 -12.34
N SER B 136 9.59 -27.44 -12.84
CA SER B 136 10.34 -28.47 -12.13
C SER B 136 11.82 -28.14 -12.17
N GLY B 137 12.40 -27.87 -11.00
CA GLY B 137 13.67 -27.19 -10.94
C GLY B 137 13.49 -25.73 -11.29
N GLY B 138 14.42 -24.91 -10.84
CA GLY B 138 14.28 -23.49 -11.05
C GLY B 138 13.80 -22.76 -9.81
N ASN B 139 14.21 -21.52 -9.68
CA ASN B 139 14.07 -20.76 -8.44
C ASN B 139 12.81 -19.90 -8.46
N MET B 140 12.47 -19.37 -7.28
CA MET B 140 11.31 -18.52 -7.10
C MET B 140 11.49 -17.78 -5.78
N THR B 141 10.63 -16.80 -5.53
CA THR B 141 10.74 -15.95 -4.36
C THR B 141 9.45 -15.99 -3.56
N LEU B 142 9.57 -16.19 -2.25
CA LEU B 142 8.47 -16.07 -1.31
C LEU B 142 8.61 -14.76 -0.54
N ARG B 143 7.48 -14.14 -0.22
CA ARG B 143 7.46 -12.87 0.51
C ARG B 143 6.70 -13.04 1.82
N CYS B 144 7.43 -12.90 2.93
CA CYS B 144 6.83 -12.67 4.23
C CYS B 144 6.40 -11.21 4.34
N GLY B 145 5.31 -10.97 5.05
CA GLY B 145 4.83 -9.60 5.19
C GLY B 145 3.96 -9.32 6.39
N SER B 146 4.26 -8.25 7.12
CA SER B 146 3.41 -7.78 8.19
C SER B 146 3.65 -6.29 8.38
N GLN B 147 2.70 -5.64 9.06
CA GLN B 147 2.83 -4.22 9.37
C GLN B 147 3.69 -3.95 10.59
N LYS B 148 4.00 -4.98 11.38
CA LYS B 148 4.78 -4.83 12.60
C LYS B 148 6.11 -5.56 12.57
N GLY B 149 6.35 -6.44 11.60
CA GLY B 149 7.56 -7.22 11.61
C GLY B 149 8.77 -6.44 11.12
N TYR B 150 9.24 -5.49 11.92
CA TYR B 150 10.30 -4.58 11.48
C TYR B 150 11.70 -5.06 11.85
N HIS B 151 11.86 -6.25 12.43
CA HIS B 151 13.18 -6.73 12.77
C HIS B 151 13.61 -7.94 11.93
N HIS B 152 12.87 -9.05 12.00
CA HIS B 152 13.31 -10.30 11.40
C HIS B 152 12.10 -11.12 10.96
N PHE B 153 12.28 -11.88 9.90
CA PHE B 153 11.28 -12.83 9.43
C PHE B 153 11.90 -14.22 9.36
N VAL B 154 11.08 -15.23 9.61
CA VAL B 154 11.49 -16.63 9.59
C VAL B 154 10.65 -17.38 8.57
N LEU B 155 11.31 -18.16 7.72
CA LEU B 155 10.64 -19.03 6.76
C LEU B 155 10.90 -20.48 7.16
N MET B 156 9.83 -21.21 7.44
CA MET B 156 9.90 -22.62 7.79
C MET B 156 9.30 -23.47 6.68
N LYS B 157 10.03 -24.51 6.27
CA LYS B 157 9.55 -25.46 5.30
C LYS B 157 9.07 -26.73 5.99
N GLU B 158 7.91 -27.22 5.57
CA GLU B 158 7.36 -28.44 6.16
C GLU B 158 8.25 -29.64 5.84
N GLY B 159 8.50 -30.47 6.83
CA GLY B 159 9.37 -31.61 6.66
C GLY B 159 9.69 -32.30 7.98
N GLU B 160 10.86 -32.93 8.06
CA GLU B 160 11.27 -33.67 9.25
C GLU B 160 12.35 -32.94 10.03
N HIS B 161 13.46 -32.61 9.39
CA HIS B 161 14.56 -31.93 10.06
C HIS B 161 14.94 -30.66 9.31
N GLN B 162 13.94 -29.85 8.97
CA GLN B 162 14.16 -28.62 8.22
C GLN B 162 14.56 -27.51 9.19
N LEU B 163 15.60 -26.76 8.82
CA LEU B 163 16.11 -25.65 9.61
C LEU B 163 15.51 -24.34 9.12
N PRO B 164 15.02 -23.48 10.00
CA PRO B 164 14.42 -22.22 9.56
C PRO B 164 15.47 -21.26 9.00
N ARG B 165 15.00 -20.35 8.14
CA ARG B 165 15.84 -19.32 7.55
C ARG B 165 15.37 -17.95 8.02
N THR B 166 16.30 -17.09 8.40
CA THR B 166 15.99 -15.78 8.92
C THR B 166 16.48 -14.71 7.94
N LEU B 167 15.65 -13.69 7.74
CA LEU B 167 16.01 -12.55 6.92
C LEU B 167 15.73 -11.27 7.69
N ASP B 168 16.52 -10.24 7.40
CA ASP B 168 16.26 -8.91 7.93
C ASP B 168 15.05 -8.31 7.24
N SER B 169 14.22 -7.61 8.03
CA SER B 169 13.04 -6.97 7.50
C SER B 169 13.41 -5.72 6.72
N GLN B 170 12.56 -5.36 5.76
CA GLN B 170 12.77 -4.17 4.94
C GLN B 170 11.54 -3.28 5.00
N GLN B 171 11.76 -1.98 5.23
CA GLN B 171 10.67 -1.02 5.22
C GLN B 171 10.20 -0.77 3.80
N LEU B 172 8.89 -0.81 3.59
CA LEU B 172 8.29 -0.56 2.29
C LEU B 172 7.91 0.92 2.15
N HIS B 173 7.90 1.39 0.91
CA HIS B 173 7.55 2.79 0.66
C HIS B 173 6.10 3.09 1.01
N SER B 174 5.19 2.13 0.78
CA SER B 174 3.79 2.31 1.05
C SER B 174 3.40 1.94 2.48
N GLY B 175 4.37 1.65 3.33
CA GLY B 175 4.08 1.26 4.70
C GLY B 175 4.05 -0.25 4.86
N GLY B 176 4.59 -0.74 5.97
CA GLY B 176 4.69 -2.15 6.22
C GLY B 176 6.11 -2.66 6.03
N PHE B 177 6.28 -3.95 6.25
CA PHE B 177 7.59 -4.58 6.23
C PHE B 177 7.50 -5.91 5.50
N GLN B 178 8.60 -6.30 4.85
CA GLN B 178 8.60 -7.52 4.06
C GLN B 178 10.01 -8.10 4.03
N ALA B 179 10.09 -9.38 3.73
CA ALA B 179 11.34 -10.06 3.45
C ALA B 179 11.12 -11.00 2.28
N LEU B 180 12.10 -11.07 1.38
CA LEU B 180 11.99 -11.86 0.16
C LEU B 180 12.94 -13.04 0.26
N PHE B 181 12.37 -14.25 0.31
CA PHE B 181 13.16 -15.46 0.51
C PHE B 181 13.38 -16.17 -0.81
N PRO B 182 14.62 -16.41 -1.24
CA PRO B 182 14.84 -17.22 -2.44
C PRO B 182 14.57 -18.69 -2.16
N VAL B 183 13.73 -19.30 -2.99
CA VAL B 183 13.38 -20.71 -2.88
C VAL B 183 13.71 -21.40 -4.19
N GLY B 184 14.48 -22.48 -4.11
CA GLY B 184 14.84 -23.25 -5.28
C GLY B 184 16.19 -23.91 -5.14
N PRO B 185 16.48 -24.88 -6.02
CA PRO B 185 15.63 -25.42 -7.10
C PRO B 185 14.53 -26.30 -6.56
N VAL B 186 13.32 -26.21 -7.13
CA VAL B 186 12.15 -26.91 -6.60
C VAL B 186 12.08 -28.28 -7.28
N ASN B 187 12.71 -29.28 -6.66
CA ASN B 187 12.74 -30.63 -7.21
C ASN B 187 11.43 -31.36 -6.94
N PRO B 188 10.91 -32.08 -7.93
CA PRO B 188 9.59 -32.70 -7.79
C PRO B 188 9.63 -34.03 -7.06
N SER B 189 10.40 -34.12 -5.99
CA SER B 189 10.49 -35.34 -5.21
C SER B 189 9.57 -35.35 -3.99
N HIS B 190 9.06 -34.18 -3.60
CA HIS B 190 8.23 -34.06 -2.41
C HIS B 190 7.41 -32.79 -2.54
N ARG B 191 6.47 -32.62 -1.61
CA ARG B 191 5.68 -31.41 -1.56
C ARG B 191 6.50 -30.26 -1.00
N TRP B 192 6.11 -29.03 -1.36
CA TRP B 192 6.80 -27.82 -0.93
C TRP B 192 5.78 -26.92 -0.23
N ARG B 193 5.78 -26.94 1.10
CA ARG B 193 4.88 -26.13 1.90
C ARG B 193 5.69 -25.30 2.89
N PHE B 194 5.29 -24.05 3.08
CA PHE B 194 6.05 -23.06 3.84
C PHE B 194 5.15 -22.30 4.79
N THR B 195 5.76 -21.79 5.86
CA THR B 195 5.09 -20.94 6.84
C THR B 195 6.02 -19.78 7.19
N CYS B 196 5.45 -18.61 7.43
CA CYS B 196 6.19 -17.39 7.72
C CYS B 196 6.07 -17.08 9.21
N TYR B 197 7.10 -16.45 9.76
CA TYR B 197 7.10 -15.98 11.15
C TYR B 197 7.87 -14.67 11.22
N TYR B 198 7.64 -13.92 12.29
CA TYR B 198 8.52 -12.81 12.64
C TYR B 198 8.70 -12.78 14.15
N TYR B 199 9.83 -12.22 14.58
CA TYR B 199 10.12 -12.01 16.00
C TYR B 199 10.88 -10.70 16.14
N TYR B 200 11.17 -10.34 17.39
CA TYR B 200 11.87 -9.10 17.70
C TYR B 200 13.21 -9.39 18.37
N MET B 201 14.08 -8.38 18.34
CA MET B 201 15.47 -8.56 18.76
C MET B 201 15.59 -8.92 20.23
N ASN B 202 14.78 -8.31 21.10
CA ASN B 202 14.90 -8.55 22.52
C ASN B 202 14.43 -9.95 22.93
N THR B 203 13.53 -10.57 22.17
CA THR B 203 13.05 -11.92 22.46
C THR B 203 13.17 -12.76 21.20
N PRO B 204 14.36 -13.30 20.91
CA PRO B 204 14.55 -14.07 19.67
C PRO B 204 13.79 -15.38 19.62
N GLN B 205 13.37 -15.93 20.76
CA GLN B 205 12.69 -17.22 20.81
C GLN B 205 11.18 -17.09 20.99
N VAL B 206 10.65 -15.88 20.86
CA VAL B 206 9.21 -15.63 20.96
C VAL B 206 8.74 -15.15 19.59
N TRP B 207 8.00 -16.02 18.89
CA TRP B 207 7.60 -15.76 17.51
C TRP B 207 6.12 -15.47 17.44
N SER B 208 5.71 -14.92 16.30
CA SER B 208 4.32 -14.59 16.05
C SER B 208 3.51 -15.85 15.73
N HIS B 209 2.22 -15.67 15.52
CA HIS B 209 1.39 -16.75 15.04
C HIS B 209 1.85 -17.16 13.64
N PRO B 210 1.84 -18.44 13.31
CA PRO B 210 2.28 -18.87 11.99
C PRO B 210 1.41 -18.31 10.88
N SER B 211 2.04 -17.99 9.76
CA SER B 211 1.33 -17.59 8.56
C SER B 211 0.52 -18.78 8.03
N ASP B 212 -0.49 -18.47 7.21
CA ASP B 212 -1.22 -19.53 6.53
C ASP B 212 -0.25 -20.29 5.63
N PRO B 213 -0.28 -21.63 5.63
CA PRO B 213 0.67 -22.38 4.81
C PRO B 213 0.47 -22.11 3.32
N LEU B 214 1.57 -22.13 2.58
CA LEU B 214 1.58 -21.91 1.15
C LEU B 214 2.28 -23.09 0.47
N GLU B 215 1.62 -23.68 -0.52
CA GLU B 215 2.16 -24.82 -1.24
C GLU B 215 2.68 -24.39 -2.62
N ILE B 216 3.79 -24.98 -3.03
CA ILE B 216 4.43 -24.70 -4.31
C ILE B 216 4.33 -25.95 -5.17
N LEU B 217 3.87 -25.79 -6.41
CA LEU B 217 3.68 -26.92 -7.32
C LEU B 217 4.74 -26.92 -8.40
N PRO B 218 5.61 -27.93 -8.47
CA PRO B 218 6.56 -28.03 -9.59
C PRO B 218 5.89 -28.58 -10.83
N SER B 219 6.01 -27.86 -11.94
CA SER B 219 5.34 -28.19 -13.19
C SER B 219 6.37 -28.69 -14.20
N GLY B 220 6.12 -29.87 -14.75
CA GLY B 220 7.05 -30.54 -15.64
C GLY B 220 6.67 -30.44 -17.10
N VAL B 221 7.14 -31.41 -17.88
CA VAL B 221 6.94 -31.44 -19.32
C VAL B 221 6.01 -32.58 -19.72
N SER B 222 5.29 -33.16 -18.77
CA SER B 222 4.31 -34.18 -19.10
C SER B 222 3.15 -33.56 -19.88
N ARG B 223 2.40 -34.42 -20.57
CA ARG B 223 1.34 -33.94 -21.46
C ARG B 223 0.33 -33.11 -20.68
N LYS B 224 0.02 -31.94 -21.23
CA LYS B 224 -0.88 -30.99 -20.59
C LYS B 224 -2.32 -31.51 -20.61
N PRO B 225 -3.12 -31.15 -19.63
CA PRO B 225 -4.55 -31.47 -19.65
C PRO B 225 -5.27 -30.57 -20.64
N SER B 226 -6.60 -30.73 -20.68
CA SER B 226 -7.47 -29.87 -21.46
C SER B 226 -8.43 -29.18 -20.52
N LEU B 227 -8.52 -27.86 -20.62
CA LEU B 227 -9.41 -27.07 -19.76
C LEU B 227 -10.53 -26.50 -20.61
N LEU B 228 -11.76 -26.91 -20.34
CA LEU B 228 -12.93 -26.48 -21.08
C LEU B 228 -13.93 -25.85 -20.15
N THR B 229 -14.68 -24.88 -20.67
CA THR B 229 -15.74 -24.22 -19.94
C THR B 229 -17.09 -24.65 -20.50
N LEU B 230 -18.04 -24.90 -19.61
CA LEU B 230 -19.36 -25.35 -20.02
C LEU B 230 -20.29 -24.20 -20.38
N GLN B 231 -19.91 -22.97 -20.05
CA GLN B 231 -20.76 -21.81 -20.25
C GLN B 231 -20.26 -20.98 -21.42
N GLY B 232 -20.96 -19.87 -21.69
CA GLY B 232 -20.68 -19.07 -22.86
C GLY B 232 -19.42 -18.26 -22.72
N PRO B 233 -19.12 -17.48 -23.77
CA PRO B 233 -17.91 -16.64 -23.75
C PRO B 233 -17.92 -15.63 -22.62
N VAL B 234 -18.97 -14.82 -22.54
CA VAL B 234 -19.11 -13.76 -21.54
C VAL B 234 -20.15 -14.22 -20.53
N LEU B 235 -19.82 -14.10 -19.25
CA LEU B 235 -20.69 -14.54 -18.17
C LEU B 235 -21.37 -13.35 -17.52
N ALA B 236 -22.69 -13.44 -17.37
CA ALA B 236 -23.42 -12.45 -16.61
C ALA B 236 -23.24 -12.69 -15.11
N PRO B 237 -23.25 -11.63 -14.31
CA PRO B 237 -23.12 -11.83 -12.85
C PRO B 237 -24.27 -12.66 -12.30
N GLY B 238 -23.92 -13.61 -11.44
CA GLY B 238 -24.88 -14.52 -10.84
C GLY B 238 -25.00 -15.86 -11.52
N GLN B 239 -24.43 -16.02 -12.71
CA GLN B 239 -24.48 -17.30 -13.41
C GLN B 239 -23.63 -18.33 -12.70
N SER B 240 -23.91 -19.60 -13.01
CA SER B 240 -23.11 -20.70 -12.50
C SER B 240 -22.04 -21.07 -13.52
N LEU B 241 -20.81 -21.25 -13.03
CA LEU B 241 -19.67 -21.58 -13.87
C LEU B 241 -19.06 -22.89 -13.41
N THR B 242 -18.78 -23.78 -14.37
CA THR B 242 -18.13 -25.04 -14.09
C THR B 242 -16.99 -25.23 -15.10
N LEU B 243 -15.76 -25.26 -14.59
CA LEU B 243 -14.61 -25.55 -15.42
C LEU B 243 -14.28 -27.04 -15.33
N GLN B 244 -13.82 -27.60 -16.44
CA GLN B 244 -13.66 -29.03 -16.57
C GLN B 244 -12.28 -29.34 -17.14
N CYS B 245 -11.48 -30.08 -16.37
CA CYS B 245 -10.20 -30.59 -16.85
C CYS B 245 -10.37 -32.03 -17.31
N GLY B 246 -9.51 -32.43 -18.24
CA GLY B 246 -9.55 -33.78 -18.77
C GLY B 246 -8.18 -34.18 -19.26
N SER B 247 -7.92 -35.49 -19.23
CA SER B 247 -6.63 -36.02 -19.66
C SER B 247 -6.83 -37.34 -20.35
N ASP B 248 -6.02 -37.58 -21.38
CA ASP B 248 -6.00 -38.86 -22.07
C ASP B 248 -4.83 -39.75 -21.64
N VAL B 249 -4.06 -39.32 -20.65
CA VAL B 249 -3.00 -40.12 -20.08
C VAL B 249 -3.35 -40.64 -18.69
N GLY B 250 -4.52 -40.29 -18.16
CA GLY B 250 -4.98 -40.84 -16.90
C GLY B 250 -4.39 -40.20 -15.67
N TYR B 251 -4.57 -38.89 -15.51
CA TYR B 251 -4.13 -38.20 -14.32
C TYR B 251 -5.10 -38.44 -13.17
N ASP B 252 -4.55 -38.62 -11.97
CA ASP B 252 -5.38 -38.90 -10.80
C ASP B 252 -5.81 -37.64 -10.06
N ARG B 253 -4.98 -36.60 -10.05
CA ARG B 253 -5.29 -35.35 -9.38
C ARG B 253 -5.32 -34.21 -10.41
N PHE B 254 -6.14 -33.20 -10.13
CA PHE B 254 -6.20 -32.01 -10.96
C PHE B 254 -6.16 -30.79 -10.07
N VAL B 255 -5.40 -29.77 -10.50
CA VAL B 255 -5.29 -28.51 -9.80
C VAL B 255 -5.66 -27.39 -10.77
N LEU B 256 -6.57 -26.52 -10.37
CA LEU B 256 -6.96 -25.36 -11.16
C LEU B 256 -6.39 -24.11 -10.53
N TYR B 257 -5.62 -23.34 -11.29
CA TYR B 257 -5.02 -22.10 -10.79
C TYR B 257 -5.44 -20.92 -11.66
N LYS B 258 -5.84 -19.84 -11.00
CA LYS B 258 -6.16 -18.57 -11.65
C LYS B 258 -5.00 -17.61 -11.46
N GLU B 259 -4.56 -16.99 -12.56
CA GLU B 259 -3.40 -16.13 -12.53
C GLU B 259 -3.56 -14.98 -11.54
N GLY B 260 -2.51 -14.70 -10.78
CA GLY B 260 -2.51 -13.61 -9.82
C GLY B 260 -3.04 -13.96 -8.45
N GLU B 261 -3.43 -15.19 -8.21
CA GLU B 261 -3.97 -15.58 -6.91
C GLU B 261 -2.85 -16.16 -6.03
N ARG B 262 -3.18 -16.32 -4.74
CA ARG B 262 -2.24 -16.90 -3.79
C ARG B 262 -2.30 -18.42 -3.81
N ASP B 263 -3.49 -19.00 -3.76
CA ASP B 263 -3.68 -20.44 -3.66
C ASP B 263 -4.30 -20.97 -4.94
N PHE B 264 -4.52 -22.29 -4.96
CA PHE B 264 -5.14 -22.98 -6.09
C PHE B 264 -6.23 -23.91 -5.58
N LEU B 265 -7.03 -24.42 -6.50
CA LEU B 265 -8.04 -25.43 -6.21
C LEU B 265 -7.48 -26.81 -6.53
N GLN B 266 -8.09 -27.84 -5.96
CA GLN B 266 -7.62 -29.20 -6.14
C GLN B 266 -8.78 -30.17 -6.06
N ARG B 267 -8.94 -31.00 -7.08
CA ARG B 267 -9.96 -32.04 -7.11
C ARG B 267 -9.32 -33.35 -7.53
N PRO B 268 -9.83 -34.48 -7.05
CA PRO B 268 -9.43 -35.77 -7.61
C PRO B 268 -10.06 -36.02 -8.97
N GLY B 269 -9.37 -36.81 -9.78
CA GLY B 269 -9.83 -37.11 -11.11
C GLY B 269 -10.69 -38.37 -11.13
N GLN B 270 -11.76 -38.32 -11.93
CA GLN B 270 -12.69 -39.43 -12.07
C GLN B 270 -12.33 -40.24 -13.31
N GLN B 271 -12.27 -41.56 -13.17
CA GLN B 271 -11.91 -42.45 -14.28
C GLN B 271 -12.98 -43.52 -14.44
N PRO B 272 -14.11 -43.21 -15.06
CA PRO B 272 -15.07 -44.27 -15.41
C PRO B 272 -14.47 -45.24 -16.42
N GLN B 273 -13.73 -44.70 -17.38
CA GLN B 273 -12.97 -45.49 -18.34
C GLN B 273 -11.48 -45.29 -18.11
N ALA B 274 -10.74 -46.38 -18.07
CA ALA B 274 -9.31 -46.31 -17.79
C ALA B 274 -8.58 -45.55 -18.89
N GLY B 275 -7.65 -44.68 -18.49
CA GLY B 275 -6.88 -43.89 -19.43
C GLY B 275 -7.49 -42.57 -19.83
N LEU B 276 -8.66 -42.21 -19.30
CA LEU B 276 -9.31 -40.95 -19.63
C LEU B 276 -9.95 -40.43 -18.35
N SER B 277 -9.29 -39.46 -17.72
CA SER B 277 -9.73 -38.91 -16.45
C SER B 277 -10.22 -37.48 -16.63
N GLN B 278 -10.99 -37.00 -15.65
CA GLN B 278 -11.58 -35.68 -15.72
C GLN B 278 -11.99 -35.23 -14.33
N ALA B 279 -12.12 -33.91 -14.18
CA ALA B 279 -12.58 -33.32 -12.93
C ALA B 279 -13.34 -32.04 -13.23
N ASN B 280 -14.31 -31.73 -12.37
CA ASN B 280 -15.14 -30.54 -12.53
C ASN B 280 -14.88 -29.57 -11.39
N PHE B 281 -14.72 -28.30 -11.73
CA PHE B 281 -14.49 -27.23 -10.76
C PHE B 281 -15.71 -26.30 -10.81
N THR B 282 -16.68 -26.55 -9.95
CA THR B 282 -17.87 -25.71 -9.87
C THR B 282 -17.55 -24.48 -9.03
N LEU B 283 -17.58 -23.30 -9.66
CA LEU B 283 -17.23 -22.06 -9.00
C LEU B 283 -18.44 -21.30 -8.49
N GLY B 284 -19.64 -21.85 -8.63
CA GLY B 284 -20.83 -21.24 -8.07
C GLY B 284 -21.25 -19.99 -8.81
N PRO B 285 -22.05 -19.15 -8.16
CA PRO B 285 -22.48 -17.88 -8.76
C PRO B 285 -21.27 -16.97 -8.98
N VAL B 286 -21.11 -16.49 -10.20
CA VAL B 286 -19.91 -15.76 -10.59
C VAL B 286 -20.01 -14.32 -10.12
N SER B 287 -18.92 -13.82 -9.55
CA SER B 287 -18.74 -12.43 -9.19
C SER B 287 -17.57 -11.88 -10.01
N ARG B 288 -17.18 -10.63 -9.72
CA ARG B 288 -16.05 -10.04 -10.43
C ARG B 288 -14.74 -10.77 -10.14
N SER B 289 -14.61 -11.40 -8.98
CA SER B 289 -13.40 -12.14 -8.63
C SER B 289 -13.24 -13.41 -9.45
N HIS B 290 -14.26 -13.83 -10.19
CA HIS B 290 -14.17 -14.98 -11.07
C HIS B 290 -13.61 -14.66 -12.44
N GLY B 291 -13.48 -13.37 -12.78
CA GLY B 291 -12.89 -12.99 -14.04
C GLY B 291 -11.37 -13.02 -14.02
N GLY B 292 -10.77 -13.82 -14.89
CA GLY B 292 -9.33 -13.93 -14.92
C GLY B 292 -8.88 -14.99 -15.91
N GLN B 293 -7.61 -15.32 -15.84
CA GLN B 293 -6.99 -16.32 -16.70
C GLN B 293 -6.78 -17.60 -15.89
N TYR B 294 -7.18 -18.73 -16.46
CA TYR B 294 -7.20 -20.00 -15.75
C TYR B 294 -6.35 -21.03 -16.45
N ARG B 295 -5.65 -21.85 -15.67
CA ARG B 295 -4.92 -23.01 -16.16
C ARG B 295 -5.12 -24.14 -15.18
N CYS B 296 -4.96 -25.37 -15.67
CA CYS B 296 -5.08 -26.51 -14.78
C CYS B 296 -4.04 -27.57 -15.12
N TYR B 297 -3.68 -28.34 -14.11
CA TYR B 297 -2.55 -29.27 -14.15
C TYR B 297 -3.00 -30.61 -13.59
N GLY B 298 -2.33 -31.67 -14.01
CA GLY B 298 -2.64 -33.01 -13.55
C GLY B 298 -1.39 -33.73 -13.10
N ALA B 299 -1.57 -34.63 -12.13
CA ALA B 299 -0.47 -35.43 -11.61
C ALA B 299 -0.96 -36.85 -11.35
N HIS B 300 -0.02 -37.78 -11.34
CA HIS B 300 -0.33 -39.19 -11.13
C HIS B 300 -0.45 -39.49 -9.64
N ASN B 301 -0.65 -40.77 -9.30
CA ASN B 301 -1.06 -41.13 -7.95
C ASN B 301 0.08 -41.00 -6.95
N LEU B 302 1.27 -41.43 -7.32
CA LEU B 302 2.42 -41.45 -6.41
C LEU B 302 3.54 -40.53 -6.89
N SER B 303 3.18 -39.41 -7.50
CA SER B 303 4.16 -38.45 -8.01
C SER B 303 3.80 -37.06 -7.53
N SER B 304 4.82 -36.30 -7.13
CA SER B 304 4.65 -34.91 -6.74
C SER B 304 4.95 -33.95 -7.87
N GLU B 305 5.25 -34.46 -9.06
CA GLU B 305 5.44 -33.63 -10.24
C GLU B 305 4.12 -33.47 -10.99
N TRP B 306 3.84 -32.24 -11.39
CA TRP B 306 2.62 -31.93 -12.14
C TRP B 306 2.94 -31.77 -13.62
N SER B 307 1.89 -31.86 -14.43
CA SER B 307 2.04 -31.82 -15.88
C SER B 307 2.30 -30.40 -16.36
N ALA B 308 2.47 -30.25 -17.67
CA ALA B 308 2.53 -28.94 -18.26
C ALA B 308 1.18 -28.24 -18.10
N PRO B 309 1.15 -26.91 -18.09
CA PRO B 309 -0.13 -26.21 -17.98
C PRO B 309 -1.00 -26.45 -19.19
N SER B 310 -2.31 -26.39 -18.96
CA SER B 310 -3.26 -26.36 -20.06
C SER B 310 -3.13 -25.07 -20.84
N ASP B 311 -3.82 -25.01 -21.98
CA ASP B 311 -4.00 -23.74 -22.65
C ASP B 311 -4.85 -22.82 -21.77
N PRO B 312 -4.47 -21.55 -21.63
CA PRO B 312 -5.19 -20.66 -20.72
C PRO B 312 -6.63 -20.45 -21.15
N LEU B 313 -7.50 -20.31 -20.16
CA LEU B 313 -8.91 -20.03 -20.38
C LEU B 313 -9.27 -18.72 -19.68
N ASN B 314 -9.86 -17.80 -20.43
CA ASN B 314 -10.17 -16.46 -19.92
C ASN B 314 -11.66 -16.38 -19.65
N ILE B 315 -12.02 -15.95 -18.45
CA ILE B 315 -13.40 -15.80 -18.02
C ILE B 315 -13.71 -14.32 -17.96
N LEU B 316 -14.68 -13.89 -18.76
CA LEU B 316 -15.07 -12.49 -18.84
C LEU B 316 -16.38 -12.26 -18.11
N MET B 317 -16.47 -11.15 -17.38
CA MET B 317 -17.64 -10.81 -16.58
C MET B 317 -18.24 -9.52 -17.12
N ALA B 318 -19.45 -9.61 -17.65
CA ALA B 318 -20.15 -8.44 -18.15
C ALA B 318 -20.81 -7.67 -17.03
N GLY B 319 -21.31 -6.48 -17.35
CA GLY B 319 -22.01 -5.66 -16.39
C GLY B 319 -21.18 -5.21 -15.20
N GLN B 320 -19.90 -4.93 -15.42
CA GLN B 320 -19.04 -4.41 -14.35
C GLN B 320 -18.76 -2.92 -14.50
N ILE B 321 -18.90 -2.39 -15.72
CA ILE B 321 -18.65 -0.99 -16.03
C ILE B 321 -19.94 -0.39 -16.56
N TYR B 322 -20.31 0.78 -16.05
CA TYR B 322 -21.55 1.43 -16.45
C TYR B 322 -21.36 2.42 -17.59
N ASP B 323 -20.14 2.59 -18.10
CA ASP B 323 -19.96 3.33 -19.34
C ASP B 323 -20.55 2.54 -20.50
N THR B 324 -21.26 3.24 -21.38
CA THR B 324 -22.05 2.56 -22.41
C THR B 324 -21.27 2.40 -23.71
N VAL B 325 -21.63 1.36 -24.45
CA VAL B 325 -21.12 1.10 -25.80
C VAL B 325 -22.32 0.89 -26.71
N SER B 326 -22.09 1.12 -28.00
CA SER B 326 -23.13 0.93 -29.00
C SER B 326 -22.54 0.23 -30.21
N LEU B 327 -23.38 -0.49 -30.94
CA LEU B 327 -22.97 -1.26 -32.11
C LEU B 327 -23.83 -0.87 -33.30
N SER B 328 -23.20 -0.72 -34.46
CA SER B 328 -23.92 -0.31 -35.67
C SER B 328 -23.17 -0.82 -36.89
N ALA B 329 -23.91 -1.35 -37.85
CA ALA B 329 -23.33 -1.73 -39.14
C ALA B 329 -23.17 -0.50 -40.01
N GLN B 330 -21.96 -0.33 -40.57
CA GLN B 330 -21.63 0.88 -41.30
C GLN B 330 -22.51 1.06 -42.54
N PRO B 331 -22.64 0.05 -43.43
CA PRO B 331 -23.62 0.18 -44.51
C PRO B 331 -25.04 0.11 -44.00
N GLY B 332 -25.33 -0.93 -43.23
CA GLY B 332 -26.65 -1.15 -42.67
C GLY B 332 -26.84 -2.58 -42.22
N PRO B 333 -27.88 -2.82 -41.42
CA PRO B 333 -28.13 -4.18 -40.93
C PRO B 333 -28.40 -5.18 -42.04
N THR B 334 -29.29 -4.83 -42.97
CA THR B 334 -29.61 -5.70 -44.08
C THR B 334 -28.66 -5.43 -45.24
N VAL B 335 -27.93 -6.46 -45.67
CA VAL B 335 -26.95 -6.35 -46.74
C VAL B 335 -27.08 -7.55 -47.66
N ALA B 336 -26.41 -7.47 -48.80
CA ALA B 336 -26.33 -8.57 -49.76
C ALA B 336 -24.97 -9.23 -49.67
N SER B 337 -24.93 -10.51 -50.06
CA SER B 337 -23.70 -11.27 -50.01
C SER B 337 -22.66 -10.69 -50.96
N GLY B 338 -21.40 -10.70 -50.51
CA GLY B 338 -20.31 -10.15 -51.27
C GLY B 338 -20.06 -8.66 -51.06
N GLU B 339 -20.93 -7.99 -50.32
CA GLU B 339 -20.74 -6.57 -50.04
C GLU B 339 -19.77 -6.38 -48.90
N ASN B 340 -19.27 -5.14 -48.77
CA ASN B 340 -18.35 -4.77 -47.70
C ASN B 340 -19.16 -4.34 -46.49
N VAL B 341 -19.09 -5.10 -45.41
CA VAL B 341 -19.83 -4.84 -44.18
C VAL B 341 -18.83 -4.67 -43.04
N THR B 342 -18.99 -3.58 -42.28
CA THR B 342 -18.12 -3.30 -41.15
C THR B 342 -19.00 -3.07 -39.93
N LEU B 343 -18.71 -3.77 -38.85
CA LEU B 343 -19.38 -3.54 -37.58
C LEU B 343 -18.57 -2.58 -36.73
N LEU B 344 -19.24 -1.56 -36.19
CA LEU B 344 -18.59 -0.47 -35.48
C LEU B 344 -19.10 -0.45 -34.05
N CYS B 345 -18.22 -0.70 -33.09
CA CYS B 345 -18.51 -0.52 -31.68
C CYS B 345 -17.83 0.76 -31.22
N GLN B 346 -18.61 1.68 -30.67
CA GLN B 346 -18.13 3.00 -30.31
C GLN B 346 -18.63 3.38 -28.92
N SER B 347 -17.94 4.32 -28.30
CA SER B 347 -18.33 4.78 -26.98
C SER B 347 -17.92 6.23 -26.81
N TRP B 348 -18.71 6.97 -26.03
CA TRP B 348 -18.31 8.31 -25.61
C TRP B 348 -17.22 8.27 -24.56
N TRP B 349 -17.13 7.18 -23.81
CA TRP B 349 -16.06 6.99 -22.85
C TRP B 349 -14.84 6.40 -23.53
N GLN B 350 -13.67 6.70 -22.96
CA GLN B 350 -12.39 6.29 -23.56
C GLN B 350 -12.01 4.90 -23.07
N PHE B 351 -12.70 3.89 -23.63
CA PHE B 351 -12.35 2.51 -23.38
C PHE B 351 -11.01 2.17 -24.05
N ASP B 352 -10.37 1.12 -23.56
CA ASP B 352 -9.10 0.68 -24.14
C ASP B 352 -9.29 -0.31 -25.28
N THR B 353 -10.21 -1.26 -25.13
CA THR B 353 -10.48 -2.25 -26.16
C THR B 353 -11.98 -2.48 -26.26
N PHE B 354 -12.39 -3.07 -27.37
CA PHE B 354 -13.76 -3.50 -27.58
C PHE B 354 -13.78 -4.99 -27.92
N LEU B 355 -14.85 -5.66 -27.53
CA LEU B 355 -15.00 -7.09 -27.77
C LEU B 355 -16.34 -7.34 -28.44
N LEU B 356 -16.31 -8.07 -29.56
CA LEU B 356 -17.51 -8.40 -30.32
C LEU B 356 -17.85 -9.87 -30.13
N THR B 357 -19.09 -10.15 -29.73
CA THR B 357 -19.56 -11.51 -29.56
C THR B 357 -20.74 -11.78 -30.49
N LYS B 358 -20.72 -12.94 -31.13
CA LYS B 358 -21.84 -13.41 -31.92
C LYS B 358 -22.68 -14.38 -31.09
N GLU B 359 -24.00 -14.18 -31.11
CA GLU B 359 -24.88 -15.06 -30.34
C GLU B 359 -24.86 -16.46 -30.96
N GLY B 360 -24.63 -17.46 -30.11
CA GLY B 360 -24.49 -18.83 -30.54
C GLY B 360 -23.06 -19.25 -30.78
N ALA B 361 -22.14 -18.31 -30.96
CA ALA B 361 -20.74 -18.64 -31.16
C ALA B 361 -20.11 -19.08 -29.84
N ALA B 362 -19.37 -20.20 -29.88
CA ALA B 362 -18.74 -20.74 -28.70
C ALA B 362 -17.29 -20.28 -28.53
N HIS B 363 -16.63 -19.83 -29.60
CA HIS B 363 -15.26 -19.39 -29.50
C HIS B 363 -15.17 -18.07 -28.75
N PRO B 364 -14.00 -17.73 -28.20
CA PRO B 364 -13.86 -16.49 -27.44
C PRO B 364 -14.12 -15.27 -28.30
N PRO B 365 -14.56 -14.17 -27.70
CA PRO B 365 -14.83 -12.96 -28.47
C PRO B 365 -13.57 -12.38 -29.10
N LEU B 366 -13.78 -11.53 -30.10
CA LEU B 366 -12.67 -10.91 -30.81
C LEU B 366 -12.40 -9.53 -30.20
N ARG B 367 -11.17 -9.32 -29.76
CA ARG B 367 -10.77 -8.09 -29.09
C ARG B 367 -10.01 -7.18 -30.05
N LEU B 368 -10.35 -5.89 -30.04
CA LEU B 368 -9.65 -4.89 -30.83
C LEU B 368 -9.47 -3.63 -30.01
N ARG B 369 -8.30 -3.01 -30.14
CA ARG B 369 -8.03 -1.76 -29.44
C ARG B 369 -8.89 -0.64 -30.00
N SER B 370 -9.14 0.37 -29.17
CA SER B 370 -10.00 1.48 -29.54
C SER B 370 -9.18 2.61 -30.17
N MET B 371 -9.78 3.25 -31.15
CA MET B 371 -9.20 4.37 -31.86
C MET B 371 -10.06 5.62 -31.62
N TYR B 372 -9.40 6.76 -31.56
CA TYR B 372 -10.08 8.04 -31.30
C TYR B 372 -10.50 8.68 -32.61
N GLY B 373 -11.81 8.89 -32.76
CA GLY B 373 -12.35 9.44 -33.98
C GLY B 373 -12.99 10.80 -33.79
N ALA B 374 -14.10 11.04 -34.49
CA ALA B 374 -14.82 12.31 -34.40
C ALA B 374 -15.55 12.34 -33.05
N HIS B 375 -14.82 12.76 -32.01
CA HIS B 375 -15.32 12.90 -30.65
C HIS B 375 -15.84 11.60 -30.06
N LYS B 376 -15.44 10.45 -30.61
CA LYS B 376 -15.84 9.14 -30.12
C LYS B 376 -14.61 8.24 -30.06
N TYR B 377 -14.76 7.11 -29.39
CA TYR B 377 -13.75 6.04 -29.39
C TYR B 377 -14.41 4.81 -29.97
N GLN B 378 -13.79 4.22 -30.99
CA GLN B 378 -14.42 3.14 -31.72
C GLN B 378 -13.39 2.12 -32.18
N ALA B 379 -13.89 0.93 -32.50
CA ALA B 379 -13.14 -0.10 -33.19
C ALA B 379 -14.00 -0.64 -34.33
N GLU B 380 -13.36 -0.98 -35.44
CA GLU B 380 -14.05 -1.49 -36.62
C GLU B 380 -13.79 -2.98 -36.75
N PHE B 381 -14.87 -3.75 -36.90
CA PHE B 381 -14.76 -5.20 -37.01
C PHE B 381 -15.10 -5.61 -38.43
N PRO B 382 -14.12 -5.82 -39.30
CA PRO B 382 -14.40 -5.98 -40.74
C PRO B 382 -15.02 -7.34 -41.04
N MET B 383 -16.14 -7.32 -41.76
CA MET B 383 -16.78 -8.54 -42.22
C MET B 383 -16.92 -8.51 -43.74
N SER B 384 -15.85 -8.09 -44.42
CA SER B 384 -15.86 -7.95 -45.87
C SER B 384 -14.88 -8.93 -46.49
N PRO B 385 -15.32 -9.76 -47.46
CA PRO B 385 -16.68 -9.85 -48.00
C PRO B 385 -17.61 -10.60 -47.06
N VAL B 386 -18.89 -10.30 -47.06
CA VAL B 386 -19.84 -10.93 -46.14
C VAL B 386 -20.44 -12.16 -46.80
N THR B 387 -20.43 -13.27 -46.07
CA THR B 387 -21.03 -14.51 -46.53
C THR B 387 -22.38 -14.71 -45.83
N SER B 388 -23.00 -15.86 -46.07
CA SER B 388 -24.25 -16.19 -45.38
C SER B 388 -24.02 -16.71 -43.97
N ALA B 389 -22.78 -17.02 -43.61
CA ALA B 389 -22.45 -17.50 -42.27
C ALA B 389 -22.24 -16.37 -41.27
N HIS B 390 -22.21 -15.12 -41.73
CA HIS B 390 -22.05 -13.97 -40.86
C HIS B 390 -23.37 -13.47 -40.29
N ALA B 391 -24.48 -14.00 -40.75
CA ALA B 391 -25.79 -13.58 -40.25
C ALA B 391 -25.97 -14.05 -38.81
N GLY B 392 -26.62 -13.22 -38.01
CA GLY B 392 -26.88 -13.54 -36.62
C GLY B 392 -27.01 -12.29 -35.80
N THR B 393 -26.95 -12.48 -34.48
CA THR B 393 -27.07 -11.40 -33.52
C THR B 393 -25.69 -11.09 -32.94
N TYR B 394 -25.34 -9.81 -32.92
CA TYR B 394 -24.03 -9.37 -32.46
C TYR B 394 -24.19 -8.42 -31.29
N ARG B 395 -23.23 -8.48 -30.35
CA ARG B 395 -23.14 -7.54 -29.25
C ARG B 395 -21.69 -7.13 -29.10
N CYS B 396 -21.47 -5.95 -28.52
CA CYS B 396 -20.12 -5.48 -28.27
C CYS B 396 -20.00 -4.98 -26.84
N TYR B 397 -18.77 -5.04 -26.32
CA TYR B 397 -18.46 -4.69 -24.95
C TYR B 397 -17.23 -3.80 -24.94
N GLY B 398 -17.12 -2.96 -23.91
CA GLY B 398 -15.90 -2.21 -23.67
C GLY B 398 -15.14 -2.72 -22.46
N SER B 399 -13.84 -2.45 -22.41
CA SER B 399 -13.04 -2.81 -21.24
C SER B 399 -11.84 -1.90 -21.14
N TYR B 400 -11.30 -1.80 -19.93
CA TYR B 400 -10.06 -1.08 -19.65
C TYR B 400 -8.94 -2.07 -19.38
N SER B 401 -7.72 -1.65 -19.71
CA SER B 401 -6.55 -2.52 -19.61
C SER B 401 -6.13 -2.81 -18.17
N SER B 402 -6.65 -2.07 -17.18
CA SER B 402 -6.32 -2.35 -15.79
C SER B 402 -6.82 -3.73 -15.38
N ASN B 403 -7.98 -4.13 -15.86
CA ASN B 403 -8.49 -5.50 -15.67
C ASN B 403 -9.25 -5.87 -16.93
N PRO B 404 -8.59 -6.51 -17.89
CA PRO B 404 -9.23 -6.80 -19.18
C PRO B 404 -10.25 -7.92 -19.16
N HIS B 405 -10.60 -8.46 -18.00
CA HIS B 405 -11.61 -9.50 -17.89
C HIS B 405 -12.94 -8.97 -17.38
N LEU B 406 -12.97 -7.76 -16.84
CA LEU B 406 -14.19 -7.11 -16.39
C LEU B 406 -14.70 -6.21 -17.51
N LEU B 407 -15.89 -6.51 -18.01
CA LEU B 407 -16.44 -5.84 -19.17
C LEU B 407 -17.57 -4.91 -18.77
N SER B 408 -18.03 -4.13 -19.74
CA SER B 408 -19.18 -3.25 -19.54
C SER B 408 -20.47 -4.05 -19.76
N PHE B 409 -21.61 -3.38 -19.68
CA PHE B 409 -22.85 -4.02 -20.06
C PHE B 409 -22.88 -4.20 -21.58
N PRO B 410 -23.55 -5.23 -22.07
CA PRO B 410 -23.61 -5.45 -23.51
C PRO B 410 -24.37 -4.35 -24.22
N SER B 411 -23.95 -4.06 -25.45
CA SER B 411 -24.67 -3.12 -26.28
C SER B 411 -26.01 -3.72 -26.70
N GLU B 412 -26.86 -2.88 -27.28
CA GLU B 412 -28.11 -3.37 -27.84
C GLU B 412 -27.81 -4.34 -28.97
N PRO B 413 -28.46 -5.50 -29.01
CA PRO B 413 -28.16 -6.50 -30.04
C PRO B 413 -28.41 -5.96 -31.43
N LEU B 414 -27.54 -6.34 -32.36
CA LEU B 414 -27.66 -5.96 -33.76
C LEU B 414 -27.91 -7.19 -34.61
N GLU B 415 -28.88 -7.12 -35.50
CA GLU B 415 -29.23 -8.22 -36.40
C GLU B 415 -28.60 -7.94 -37.76
N LEU B 416 -27.69 -8.82 -38.17
CA LEU B 416 -27.05 -8.70 -39.48
C LEU B 416 -27.76 -9.65 -40.44
N MET B 417 -28.50 -9.09 -41.40
CA MET B 417 -29.27 -9.87 -42.36
C MET B 417 -28.53 -9.90 -43.70
N VAL B 418 -28.37 -11.09 -44.25
CA VAL B 418 -27.71 -11.28 -45.53
C VAL B 418 -28.67 -11.97 -46.49
N SER B 419 -28.51 -11.68 -47.77
CA SER B 419 -29.33 -12.27 -48.81
C SER B 419 -28.53 -12.37 -50.09
N GLY B 420 -28.76 -13.43 -50.85
CA GLY B 420 -28.05 -13.65 -52.10
C GLY B 420 -28.52 -12.74 -53.22
N GLN C 3 -14.80 0.58 17.06
CA GLN C 3 -13.48 0.43 17.68
C GLN C 3 -13.58 -0.15 19.08
N LEU C 4 -13.71 0.71 20.08
CA LEU C 4 -13.79 0.31 21.47
C LEU C 4 -15.05 0.88 22.10
N GLN C 5 -15.82 0.04 22.78
CA GLN C 5 -17.04 0.43 23.45
C GLN C 5 -16.91 0.15 24.94
N GLU C 6 -17.22 1.15 25.77
CA GLU C 6 -17.08 1.05 27.21
C GLU C 6 -18.45 0.84 27.85
N SER C 7 -18.44 0.56 29.15
CA SER C 7 -19.66 0.36 29.91
C SER C 7 -19.35 0.54 31.39
N GLY C 8 -20.40 0.42 32.21
CA GLY C 8 -20.25 0.43 33.65
C GLY C 8 -19.78 1.74 34.25
N GLY C 9 -20.28 2.86 33.76
CA GLY C 9 -19.92 4.15 34.32
C GLY C 9 -20.67 4.48 35.59
N GLY C 10 -20.93 5.75 35.83
CA GLY C 10 -21.70 6.18 36.98
C GLY C 10 -20.84 6.68 38.11
N LEU C 11 -21.46 6.71 39.30
CA LEU C 11 -20.80 7.25 40.48
C LEU C 11 -21.34 6.54 41.72
N VAL C 12 -20.54 6.58 42.78
CA VAL C 12 -20.89 5.98 44.07
C VAL C 12 -20.17 6.77 45.17
N GLN C 13 -20.57 6.54 46.42
CA GLN C 13 -19.95 7.21 47.54
C GLN C 13 -18.66 6.48 47.93
N ALA C 14 -17.96 7.01 48.93
CA ALA C 14 -16.71 6.41 49.38
C ALA C 14 -16.96 5.00 49.91
N GLY C 15 -16.04 4.09 49.59
CA GLY C 15 -16.18 2.70 49.97
C GLY C 15 -17.05 1.87 49.05
N GLY C 16 -17.56 2.46 47.97
CA GLY C 16 -18.42 1.75 47.06
C GLY C 16 -17.65 0.86 46.10
N SER C 17 -18.36 0.36 45.09
CA SER C 17 -17.77 -0.55 44.13
C SER C 17 -18.41 -0.32 42.77
N LEU C 18 -17.57 -0.24 41.73
CA LEU C 18 -18.02 -0.12 40.35
C LEU C 18 -17.23 -1.09 39.49
N ARG C 19 -17.81 -1.47 38.36
CA ARG C 19 -17.16 -2.37 37.42
C ARG C 19 -17.17 -1.75 36.03
N LEU C 20 -16.00 -1.72 35.39
CA LEU C 20 -15.88 -1.20 34.03
C LEU C 20 -15.77 -2.34 33.04
N SER C 21 -16.29 -2.10 31.83
CA SER C 21 -16.25 -3.08 30.77
C SER C 21 -15.78 -2.40 29.49
N CYS C 22 -15.07 -3.15 28.65
CA CYS C 22 -14.60 -2.62 27.38
C CYS C 22 -14.59 -3.74 26.36
N ALA C 23 -15.28 -3.51 25.25
CA ALA C 23 -15.35 -4.47 24.15
C ALA C 23 -14.64 -3.90 22.94
N ALA C 24 -13.93 -4.77 22.23
CA ALA C 24 -13.07 -4.35 21.14
C ALA C 24 -13.58 -4.92 19.82
N SER C 25 -13.53 -4.10 18.77
CA SER C 25 -13.92 -4.52 17.44
C SER C 25 -13.17 -3.69 16.41
N GLY C 26 -13.05 -4.23 15.20
CA GLY C 26 -12.46 -3.53 14.07
C GLY C 26 -11.11 -4.05 13.62
N SER C 27 -10.39 -4.77 14.47
CA SER C 27 -9.07 -5.30 14.10
C SER C 27 -8.75 -6.47 15.01
N ILE C 28 -7.49 -6.90 14.98
CA ILE C 28 -7.00 -7.98 15.83
C ILE C 28 -6.46 -7.36 17.11
N PHE C 29 -7.09 -7.71 18.24
CA PHE C 29 -6.70 -7.18 19.55
C PHE C 29 -6.37 -8.28 20.54
N VAL C 30 -6.15 -9.50 20.05
CA VAL C 30 -5.94 -10.64 20.96
C VAL C 30 -4.51 -10.67 21.47
N TYR C 31 -3.58 -10.00 20.79
CA TYR C 31 -2.16 -10.12 21.08
C TYR C 31 -1.58 -8.92 21.80
N VAL C 32 -2.37 -7.90 22.10
CA VAL C 32 -1.86 -6.68 22.70
C VAL C 32 -2.50 -6.47 24.06
N PRO C 33 -1.84 -5.78 24.99
CA PRO C 33 -2.46 -5.50 26.29
C PRO C 33 -3.65 -4.56 26.17
N MET C 34 -4.61 -4.76 27.07
CA MET C 34 -5.79 -3.91 27.16
C MET C 34 -5.97 -3.48 28.61
N GLY C 35 -6.46 -2.26 28.80
CA GLY C 35 -6.56 -1.72 30.13
C GLY C 35 -7.15 -0.34 30.14
N TRP C 36 -6.89 0.40 31.21
CA TRP C 36 -7.54 1.67 31.49
C TRP C 36 -6.52 2.73 31.84
N TYR C 37 -6.66 3.91 31.23
CA TYR C 37 -6.00 5.12 31.67
C TYR C 37 -7.09 6.10 32.13
N ARG C 38 -6.72 7.05 32.98
CA ARG C 38 -7.70 8.01 33.47
C ARG C 38 -7.11 9.42 33.44
N GLN C 39 -7.92 10.38 32.97
CA GLN C 39 -7.63 11.79 33.12
C GLN C 39 -8.02 12.24 34.53
N ALA C 40 -7.97 13.54 34.76
CA ALA C 40 -8.42 14.14 36.01
C ALA C 40 -8.61 15.62 35.77
N PRO C 41 -9.39 16.31 36.62
CA PRO C 41 -9.51 17.77 36.48
C PRO C 41 -8.17 18.45 36.72
N GLY C 42 -7.61 19.04 35.67
CA GLY C 42 -6.33 19.71 35.77
C GLY C 42 -5.11 18.82 35.68
N LYS C 43 -5.29 17.53 35.38
CA LYS C 43 -4.15 16.62 35.29
C LYS C 43 -4.13 15.88 33.97
N GLU C 44 -3.24 14.90 33.83
CA GLU C 44 -3.06 14.17 32.58
C GLU C 44 -3.45 12.71 32.76
N ARG C 45 -3.36 11.96 31.66
CA ARG C 45 -3.69 10.55 31.66
C ARG C 45 -2.57 9.75 32.33
N GLU C 46 -2.86 9.19 33.49
CA GLU C 46 -1.97 8.26 34.14
C GLU C 46 -2.34 6.85 33.73
N PHE C 47 -1.58 5.87 34.21
CA PHE C 47 -1.87 4.47 33.96
C PHE C 47 -2.62 3.89 35.15
N VAL C 48 -3.59 3.02 34.88
CA VAL C 48 -4.36 2.41 35.96
C VAL C 48 -4.08 0.92 36.02
N ALA C 49 -4.42 0.20 34.95
CA ALA C 49 -4.31 -1.25 34.95
C ALA C 49 -4.27 -1.75 33.51
N ALA C 50 -3.71 -2.95 33.34
CA ALA C 50 -3.66 -3.59 32.04
C ALA C 50 -3.50 -5.08 32.24
N ILE C 51 -3.87 -5.83 31.20
CA ILE C 51 -3.67 -7.27 31.15
C ILE C 51 -3.35 -7.65 29.71
N SER C 52 -2.48 -8.63 29.54
CA SER C 52 -2.06 -9.05 28.21
C SER C 52 -2.48 -10.49 27.95
N LEU C 53 -1.98 -11.03 26.84
CA LEU C 53 -2.38 -12.38 26.40
C LEU C 53 -1.99 -13.44 27.42
N GLY C 54 -0.80 -13.32 27.99
CA GLY C 54 -0.32 -14.32 28.93
C GLY C 54 -0.99 -14.23 30.29
N SER C 55 -2.09 -13.49 30.36
CA SER C 55 -2.85 -13.26 31.58
C SER C 55 -2.04 -12.54 32.65
N ASN C 56 -0.91 -11.96 32.28
CA ASN C 56 -0.15 -11.12 33.21
C ASN C 56 -0.83 -9.78 33.35
N THR C 57 -0.83 -9.26 34.59
CA THR C 57 -1.52 -8.02 34.90
C THR C 57 -0.51 -6.96 35.32
N ASN C 58 -0.86 -5.71 35.03
CA ASN C 58 -0.08 -4.56 35.47
C ASN C 58 -1.00 -3.62 36.23
N TYR C 59 -0.53 -3.13 37.37
CA TYR C 59 -1.32 -2.27 38.23
C TYR C 59 -0.50 -1.06 38.67
N ALA C 60 -1.11 0.12 38.61
CA ALA C 60 -0.49 1.31 39.17
C ALA C 60 -0.40 1.20 40.69
N ASP C 61 0.63 1.82 41.26
CA ASP C 61 0.84 1.75 42.69
C ASP C 61 -0.28 2.39 43.49
N SER C 62 -1.01 3.35 42.91
CA SER C 62 -2.10 4.00 43.62
C SER C 62 -3.33 3.12 43.75
N VAL C 63 -3.44 2.08 42.94
CA VAL C 63 -4.58 1.16 42.99
C VAL C 63 -4.12 -0.28 43.17
N LYS C 64 -2.88 -0.48 43.64
CA LYS C 64 -2.35 -1.82 43.81
C LYS C 64 -3.07 -2.53 44.94
N GLY C 65 -3.63 -3.71 44.64
CA GLY C 65 -4.37 -4.46 45.63
C GLY C 65 -5.75 -3.92 45.93
N ARG C 66 -6.26 -2.98 45.13
CA ARG C 66 -7.57 -2.41 45.37
C ARG C 66 -8.44 -2.57 44.13
N PHE C 67 -7.80 -2.61 42.96
CA PHE C 67 -8.48 -2.85 41.70
C PHE C 67 -8.08 -4.21 41.15
N THR C 68 -9.00 -4.84 40.43
CA THR C 68 -8.75 -6.13 39.80
C THR C 68 -9.18 -6.06 38.35
N ILE C 69 -8.28 -6.44 37.44
CA ILE C 69 -8.58 -6.45 36.02
C ILE C 69 -8.68 -7.90 35.56
N SER C 70 -9.58 -8.14 34.60
CA SER C 70 -9.78 -9.46 34.04
C SER C 70 -10.11 -9.32 32.56
N ARG C 71 -9.79 -10.37 31.80
CA ARG C 71 -9.89 -10.33 30.35
C ARG C 71 -10.63 -11.56 29.85
N ASP C 72 -11.43 -11.36 28.80
CA ASP C 72 -12.10 -12.45 28.10
C ASP C 72 -11.52 -12.52 26.69
N ASN C 73 -10.61 -13.47 26.47
CA ASN C 73 -9.95 -13.57 25.18
C ASN C 73 -10.90 -13.96 24.05
N ALA C 74 -12.05 -14.56 24.39
CA ALA C 74 -12.98 -15.01 23.35
C ALA C 74 -13.73 -13.84 22.72
N LYS C 75 -14.15 -12.86 23.52
CA LYS C 75 -14.96 -11.75 23.04
C LYS C 75 -14.17 -10.44 23.00
N ASN C 76 -12.87 -10.50 23.22
CA ASN C 76 -12.00 -9.33 23.22
C ASN C 76 -12.50 -8.26 24.17
N THR C 77 -12.89 -8.69 25.37
CA THR C 77 -13.51 -7.82 26.36
C THR C 77 -12.74 -7.90 27.67
N VAL C 78 -12.45 -6.73 28.25
CA VAL C 78 -11.72 -6.64 29.51
C VAL C 78 -12.65 -6.07 30.57
N TYR C 79 -12.37 -6.41 31.83
CA TYR C 79 -13.17 -5.97 32.95
C TYR C 79 -12.29 -5.39 34.04
N LEU C 80 -12.78 -4.36 34.71
CA LEU C 80 -12.10 -3.75 35.85
C LEU C 80 -13.02 -3.85 37.07
N GLN C 81 -12.48 -4.38 38.16
CA GLN C 81 -13.23 -4.54 39.41
C GLN C 81 -12.68 -3.53 40.41
N MET C 82 -13.32 -2.37 40.49
CA MET C 82 -12.91 -1.32 41.41
C MET C 82 -13.61 -1.52 42.75
N ASN C 83 -12.83 -1.65 43.81
CA ASN C 83 -13.34 -1.83 45.15
C ASN C 83 -12.69 -0.81 46.08
N SER C 84 -13.37 -0.50 47.18
CA SER C 84 -12.88 0.46 48.17
C SER C 84 -12.56 1.80 47.52
N LEU C 85 -13.55 2.36 46.84
CA LEU C 85 -13.36 3.54 46.02
C LEU C 85 -13.09 4.76 46.90
N LYS C 86 -11.87 5.28 46.83
CA LYS C 86 -11.50 6.49 47.55
C LYS C 86 -11.93 7.72 46.76
N PRO C 87 -12.11 8.86 47.45
CA PRO C 87 -12.57 10.07 46.75
C PRO C 87 -11.64 10.56 45.65
N GLU C 88 -10.34 10.27 45.73
CA GLU C 88 -9.41 10.70 44.71
C GLU C 88 -9.42 9.81 43.48
N ASP C 89 -10.40 8.92 43.36
CA ASP C 89 -10.60 8.11 42.16
C ASP C 89 -11.55 8.75 41.17
N THR C 90 -12.08 9.93 41.50
CA THR C 90 -13.00 10.65 40.62
C THR C 90 -12.24 11.07 39.36
N ALA C 91 -12.56 10.46 38.23
CA ALA C 91 -11.82 10.69 37.01
C ALA C 91 -12.62 10.19 35.81
N VAL C 92 -12.10 10.46 34.63
CA VAL C 92 -12.64 9.95 33.37
C VAL C 92 -11.71 8.84 32.91
N TYR C 93 -12.19 7.59 32.98
CA TYR C 93 -11.37 6.45 32.66
C TYR C 93 -11.47 6.12 31.17
N TYR C 94 -10.32 5.87 30.54
CA TYR C 94 -10.24 5.61 29.12
C TYR C 94 -9.78 4.18 28.89
N CYS C 95 -10.56 3.42 28.13
CA CYS C 95 -10.11 2.11 27.67
C CYS C 95 -9.04 2.28 26.60
N ALA C 96 -7.97 1.50 26.74
CA ALA C 96 -6.82 1.67 25.86
C ALA C 96 -6.34 0.33 25.35
N VAL C 97 -5.93 0.30 24.09
CA VAL C 97 -5.21 -0.83 23.50
C VAL C 97 -3.79 -0.36 23.27
N THR C 98 -2.85 -0.87 24.05
CA THR C 98 -1.47 -0.43 24.03
C THR C 98 -0.57 -1.55 23.50
N GLY C 99 0.72 -1.24 23.38
CA GLY C 99 1.67 -2.19 22.85
C GLY C 99 1.57 -2.42 21.37
N LEU C 100 1.11 -1.42 20.61
CA LEU C 100 1.01 -1.56 19.16
C LEU C 100 2.38 -1.59 18.47
N ARG C 101 3.39 -0.98 19.06
CA ARG C 101 4.78 -0.96 18.58
C ARG C 101 4.95 -0.07 17.36
N ILE C 102 3.85 0.43 16.81
CA ILE C 102 3.84 1.29 15.64
C ILE C 102 2.81 2.38 15.86
N TYR C 103 2.91 3.43 15.06
CA TYR C 103 1.96 4.53 15.14
C TYR C 103 0.54 4.01 14.88
N PRO C 104 -0.46 4.46 15.65
CA PRO C 104 -0.45 5.53 16.66
C PRO C 104 -0.09 5.09 18.07
N PHE C 105 0.36 3.84 18.25
CA PHE C 105 0.86 3.29 19.50
C PHE C 105 -0.25 3.05 20.53
N VAL C 106 -1.45 3.59 20.29
CA VAL C 106 -2.55 3.48 21.23
C VAL C 106 -3.86 3.48 20.44
N TYR C 107 -4.87 2.83 21.01
CA TYR C 107 -6.26 2.99 20.58
C TYR C 107 -7.06 3.33 21.83
N TRP C 108 -7.72 4.48 21.82
CA TRP C 108 -8.43 4.99 22.98
C TRP C 108 -9.92 4.71 22.87
N GLY C 109 -10.56 4.61 24.04
CA GLY C 109 -12.02 4.60 24.10
C GLY C 109 -12.56 6.00 24.30
N GLN C 110 -13.85 6.18 24.01
CA GLN C 110 -14.46 7.50 24.12
C GLN C 110 -14.41 8.02 25.54
N GLY C 111 -14.42 7.14 26.53
CA GLY C 111 -14.30 7.53 27.92
C GLY C 111 -15.58 7.31 28.70
N THR C 112 -15.40 7.16 30.00
CA THR C 112 -16.51 7.02 30.93
C THR C 112 -16.21 7.83 32.18
N GLN C 113 -17.26 8.26 32.85
CA GLN C 113 -17.15 9.16 34.00
C GLN C 113 -17.31 8.37 35.29
N VAL C 114 -16.35 8.51 36.19
CA VAL C 114 -16.43 7.98 37.54
C VAL C 114 -16.30 9.16 38.49
N THR C 115 -17.28 9.32 39.38
CA THR C 115 -17.38 10.49 40.24
C THR C 115 -17.50 10.08 41.71
N VAL C 116 -16.60 9.20 42.14
CA VAL C 116 -16.60 8.73 43.53
C VAL C 116 -16.38 9.93 44.44
N SER C 117 -17.35 10.21 45.30
CA SER C 117 -17.28 11.34 46.21
C SER C 117 -17.87 10.99 47.57
N PRO D 29 11.28 21.34 -45.49
CA PRO D 29 10.35 22.12 -44.66
C PRO D 29 10.41 21.73 -43.19
N THR D 30 10.12 22.67 -42.31
CA THR D 30 10.16 22.46 -40.86
C THR D 30 8.81 22.81 -40.25
N LEU D 31 8.59 22.28 -39.05
CA LEU D 31 7.33 22.50 -38.33
C LEU D 31 7.64 22.56 -36.85
N TRP D 32 7.12 23.59 -36.17
CA TRP D 32 7.39 23.78 -34.75
C TRP D 32 6.24 24.54 -34.12
N ALA D 33 6.30 24.68 -32.80
CA ALA D 33 5.33 25.46 -32.03
C ALA D 33 6.09 26.43 -31.13
N GLU D 34 5.61 27.67 -31.07
CA GLU D 34 6.32 28.71 -30.33
C GLU D 34 6.34 28.45 -28.83
N PRO D 35 5.19 28.31 -28.15
CA PRO D 35 5.25 28.03 -26.71
C PRO D 35 5.92 26.72 -26.38
N GLY D 36 5.80 25.73 -27.26
CA GLY D 36 6.39 24.43 -27.03
C GLY D 36 5.46 23.33 -27.52
N SER D 37 6.00 22.12 -27.57
CA SER D 37 5.23 20.96 -28.00
C SER D 37 4.40 20.36 -26.88
N VAL D 38 4.61 20.78 -25.63
CA VAL D 38 3.86 20.29 -24.49
C VAL D 38 3.04 21.46 -23.97
N ILE D 39 1.72 21.37 -24.09
CA ILE D 39 0.81 22.48 -23.82
C ILE D 39 -0.25 22.02 -22.84
N SER D 40 -0.47 22.82 -21.79
CA SER D 40 -1.50 22.51 -20.82
C SER D 40 -2.88 22.69 -21.44
N TRP D 41 -3.87 22.04 -20.84
CA TRP D 41 -5.24 22.11 -21.35
C TRP D 41 -5.77 23.54 -21.30
N GLY D 42 -6.42 23.95 -22.37
CA GLY D 42 -7.05 25.25 -22.43
C GLY D 42 -6.10 26.44 -22.41
N SER D 43 -4.98 26.34 -23.11
CA SER D 43 -4.06 27.46 -23.24
C SER D 43 -3.66 27.63 -24.69
N PRO D 44 -3.35 28.86 -25.12
CA PRO D 44 -3.06 29.08 -26.54
C PRO D 44 -1.77 28.40 -26.98
N VAL D 45 -1.79 27.92 -28.22
CA VAL D 45 -0.63 27.31 -28.86
C VAL D 45 -0.66 27.69 -30.34
N THR D 46 0.50 28.03 -30.88
CA THR D 46 0.62 28.47 -32.27
C THR D 46 1.60 27.56 -32.99
N ILE D 47 1.20 27.07 -34.16
CA ILE D 47 2.02 26.19 -34.99
C ILE D 47 2.51 26.99 -36.19
N TRP D 48 3.82 26.99 -36.41
CA TRP D 48 4.44 27.71 -37.52
C TRP D 48 5.09 26.71 -38.47
N CYS D 49 5.05 27.02 -39.76
CA CYS D 49 5.69 26.21 -40.78
C CYS D 49 6.58 27.10 -41.64
N GLN D 50 7.71 26.53 -42.07
CA GLN D 50 8.67 27.24 -42.90
C GLN D 50 8.91 26.44 -44.17
N GLY D 51 8.80 27.10 -45.32
CA GLY D 51 9.01 26.49 -46.61
C GLY D 51 10.34 26.87 -47.21
N SER D 52 10.37 26.98 -48.55
CA SER D 52 11.56 27.37 -49.29
C SER D 52 11.51 28.83 -49.71
N LEU D 53 10.88 29.68 -48.88
CA LEU D 53 10.86 31.14 -49.06
C LEU D 53 9.95 31.53 -50.22
N GLU D 54 9.46 30.54 -50.97
CA GLU D 54 8.59 30.79 -52.11
C GLU D 54 7.58 29.65 -52.20
N ALA D 55 6.35 29.92 -51.80
CA ALA D 55 5.28 28.93 -51.88
C ALA D 55 3.95 29.65 -51.90
N GLN D 56 3.01 29.10 -52.67
CA GLN D 56 1.71 29.74 -52.84
C GLN D 56 0.86 29.60 -51.58
N GLU D 57 0.82 28.41 -50.97
CA GLU D 57 0.00 28.18 -49.79
C GLU D 57 0.50 26.94 -49.08
N TYR D 58 0.52 27.00 -47.75
CA TYR D 58 0.86 25.85 -46.93
C TYR D 58 -0.41 25.08 -46.56
N ARG D 59 -0.22 23.82 -46.21
CA ARG D 59 -1.33 22.99 -45.72
C ARG D 59 -0.84 22.15 -44.56
N LEU D 60 -1.75 21.86 -43.63
CA LEU D 60 -1.45 21.10 -42.42
C LEU D 60 -2.41 19.91 -42.35
N ASP D 61 -1.86 18.73 -42.11
CA ASP D 61 -2.66 17.51 -42.02
C ASP D 61 -2.33 16.78 -40.72
N LYS D 62 -3.32 16.68 -39.83
CA LYS D 62 -3.16 15.86 -38.65
C LYS D 62 -3.14 14.38 -39.04
N GLU D 63 -2.30 13.60 -38.36
CA GLU D 63 -2.13 12.20 -38.70
C GLU D 63 -3.42 11.44 -38.39
N GLY D 64 -4.11 11.00 -39.44
CA GLY D 64 -5.31 10.19 -39.29
C GLY D 64 -6.61 10.96 -39.27
N SER D 65 -6.88 11.67 -38.17
CA SER D 65 -8.19 12.26 -37.95
C SER D 65 -8.47 13.42 -38.90
N PRO D 66 -7.76 14.54 -38.78
CA PRO D 66 -8.10 15.72 -39.59
C PRO D 66 -7.40 15.74 -40.94
N GLU D 67 -8.17 15.79 -42.02
CA GLU D 67 -7.61 15.92 -43.36
C GLU D 67 -7.15 17.35 -43.60
N PRO D 68 -8.07 18.32 -43.58
CA PRO D 68 -7.68 19.71 -43.86
C PRO D 68 -7.41 20.53 -42.60
N LEU D 69 -6.59 21.57 -42.73
CA LEU D 69 -6.33 22.50 -41.64
C LEU D 69 -5.67 23.74 -42.23
N ASP D 70 -6.24 24.91 -41.96
CA ASP D 70 -5.70 26.16 -42.50
C ASP D 70 -6.01 27.30 -41.54
N ARG D 71 -5.22 28.36 -41.65
CA ARG D 71 -5.41 29.56 -40.84
C ARG D 71 -4.66 30.75 -41.43
N LYS D 78 7.67 37.00 -46.14
CA LYS D 78 6.78 36.18 -45.33
C LYS D 78 6.82 34.72 -45.78
N ASN D 79 7.85 34.01 -45.31
CA ASN D 79 8.01 32.58 -45.61
C ASN D 79 7.48 31.70 -44.49
N LYS D 80 6.51 32.17 -43.73
CA LYS D 80 5.94 31.43 -42.60
C LYS D 80 4.42 31.48 -42.67
N ALA D 81 3.78 30.48 -42.07
CA ALA D 81 2.34 30.44 -41.92
C ALA D 81 1.99 30.22 -40.46
N ARG D 82 0.91 30.84 -40.02
CA ARG D 82 0.46 30.81 -38.63
C ARG D 82 -0.82 29.99 -38.54
N PHE D 83 -0.78 28.93 -37.73
CA PHE D 83 -1.93 28.07 -37.48
C PHE D 83 -2.24 28.15 -35.99
N SER D 84 -3.04 29.14 -35.61
CA SER D 84 -3.29 29.42 -34.20
C SER D 84 -4.36 28.50 -33.64
N ILE D 85 -4.25 28.24 -32.33
CA ILE D 85 -5.25 27.47 -31.59
C ILE D 85 -5.58 28.25 -30.33
N PRO D 86 -6.73 28.95 -30.27
CA PRO D 86 -7.03 29.76 -29.08
C PRO D 86 -7.13 28.95 -27.80
N SER D 87 -7.64 27.72 -27.85
CA SER D 87 -7.76 26.89 -26.67
C SER D 87 -7.36 25.47 -27.04
N MET D 88 -6.40 24.91 -26.32
CA MET D 88 -5.89 23.58 -26.60
C MET D 88 -6.83 22.53 -26.00
N THR D 89 -7.31 21.63 -26.85
CA THR D 89 -8.20 20.54 -26.46
C THR D 89 -7.63 19.22 -26.93
N GLU D 90 -8.23 18.13 -26.48
CA GLU D 90 -7.74 16.80 -26.83
C GLU D 90 -7.94 16.45 -28.29
N HIS D 91 -8.76 17.21 -29.02
CA HIS D 91 -8.92 16.97 -30.44
C HIS D 91 -7.72 17.47 -31.23
N HIS D 92 -6.95 18.40 -30.67
CA HIS D 92 -5.78 18.95 -31.33
C HIS D 92 -4.51 18.19 -31.03
N ALA D 93 -4.54 17.22 -30.12
CA ALA D 93 -3.36 16.48 -29.73
C ALA D 93 -3.09 15.36 -30.73
N GLY D 94 -1.88 15.31 -31.25
CA GLY D 94 -1.52 14.25 -32.18
C GLY D 94 -0.25 14.60 -32.94
N ARG D 95 -0.13 14.03 -34.13
CA ARG D 95 1.00 14.27 -35.00
C ARG D 95 0.58 15.19 -36.14
N TYR D 96 1.46 16.13 -36.49
CA TYR D 96 1.19 17.13 -37.52
C TYR D 96 2.29 17.10 -38.56
N ARG D 97 1.92 17.35 -39.81
CA ARG D 97 2.87 17.45 -40.91
C ARG D 97 2.53 18.66 -41.75
N CYS D 98 3.54 19.20 -42.42
CA CYS D 98 3.37 20.41 -43.21
C CYS D 98 3.90 20.20 -44.62
N HIS D 99 3.17 20.72 -45.60
CA HIS D 99 3.58 20.71 -47.00
C HIS D 99 3.40 22.11 -47.57
N TYR D 100 4.43 22.60 -48.24
CA TYR D 100 4.37 23.88 -48.94
C TYR D 100 4.31 23.61 -50.43
N TYR D 101 3.32 24.22 -51.10
CA TYR D 101 3.12 24.01 -52.52
C TYR D 101 3.88 25.08 -53.30
N SER D 102 4.87 24.65 -54.08
CA SER D 102 5.65 25.54 -54.91
C SER D 102 5.09 25.51 -56.34
N SER D 103 5.78 26.19 -57.26
CA SER D 103 5.37 26.16 -58.66
C SER D 103 5.63 24.81 -59.31
N ALA D 104 6.55 24.01 -58.77
CA ALA D 104 6.87 22.71 -59.32
C ALA D 104 6.01 21.59 -58.77
N GLY D 105 5.17 21.86 -57.76
CA GLY D 105 4.29 20.88 -57.17
C GLY D 105 4.47 20.81 -55.67
N TRP D 106 3.87 19.79 -55.07
CA TRP D 106 3.98 19.60 -53.63
C TRP D 106 5.40 19.20 -53.26
N SER D 107 5.84 19.68 -52.10
CA SER D 107 7.19 19.43 -51.62
C SER D 107 7.23 18.17 -50.77
N GLU D 108 8.37 17.90 -50.15
CA GLU D 108 8.53 16.74 -49.30
C GLU D 108 7.77 16.93 -47.98
N PRO D 109 7.32 15.85 -47.37
CA PRO D 109 6.66 15.96 -46.06
C PRO D 109 7.62 16.51 -45.00
N SER D 110 7.07 17.31 -44.10
CA SER D 110 7.86 17.93 -43.05
C SER D 110 8.17 16.94 -41.95
N ASP D 111 9.03 17.35 -41.03
CA ASP D 111 9.32 16.54 -39.84
C ASP D 111 8.07 16.49 -38.97
N PRO D 112 7.56 15.32 -38.61
CA PRO D 112 6.33 15.26 -37.81
C PRO D 112 6.51 15.98 -36.48
N LEU D 113 5.45 16.67 -36.06
CA LEU D 113 5.44 17.44 -34.82
C LEU D 113 4.45 16.79 -33.86
N GLU D 114 4.93 16.46 -32.66
CA GLU D 114 4.11 15.83 -31.63
C GLU D 114 3.58 16.91 -30.71
N LEU D 115 2.33 17.32 -30.94
CA LEU D 115 1.70 18.35 -30.11
C LEU D 115 0.99 17.66 -28.95
N VAL D 116 1.58 17.75 -27.76
CA VAL D 116 1.11 17.02 -26.60
C VAL D 116 0.27 17.94 -25.73
N MET D 117 -0.88 17.44 -25.30
CA MET D 117 -1.71 18.09 -24.31
C MET D 117 -1.53 17.44 -22.95
N THR D 118 -1.40 18.26 -21.91
CA THR D 118 -1.27 17.79 -20.55
C THR D 118 -2.41 18.34 -19.70
N GLY D 119 -2.63 17.72 -18.56
CA GLY D 119 -3.67 18.11 -17.64
C GLY D 119 -4.99 17.41 -17.81
N PHE D 120 -5.00 16.22 -18.41
CA PHE D 120 -6.24 15.49 -18.66
C PHE D 120 -6.58 14.50 -17.55
N TYR D 121 -5.62 14.15 -16.71
CA TYR D 121 -5.82 13.18 -15.64
C TYR D 121 -5.19 13.73 -14.36
N ASN D 122 -5.54 13.12 -13.25
CA ASN D 122 -4.92 13.48 -11.97
C ASN D 122 -3.42 13.20 -12.03
N LYS D 123 -2.65 14.08 -11.40
CA LYS D 123 -1.20 14.00 -11.51
C LYS D 123 -0.65 12.76 -10.80
N PRO D 124 0.47 12.22 -11.27
CA PRO D 124 1.13 11.13 -10.56
C PRO D 124 1.99 11.67 -9.42
N THR D 125 2.63 10.75 -8.71
CA THR D 125 3.61 11.08 -7.67
C THR D 125 5.01 10.81 -8.20
N LEU D 126 5.98 11.51 -7.63
CA LEU D 126 7.37 11.40 -8.03
C LEU D 126 8.27 11.52 -6.81
N SER D 127 9.15 10.55 -6.63
CA SER D 127 10.10 10.57 -5.51
C SER D 127 11.40 9.91 -5.93
N ALA D 128 12.47 10.27 -5.21
CA ALA D 128 13.78 9.66 -5.40
C ALA D 128 13.89 8.43 -4.50
N LEU D 129 14.47 7.35 -5.03
CA LEU D 129 14.38 6.07 -4.31
C LEU D 129 15.20 6.08 -3.03
N PRO D 130 16.53 6.23 -3.04
CA PRO D 130 17.21 6.39 -1.75
C PRO D 130 16.88 7.71 -1.10
N SER D 131 17.13 8.81 -1.82
CA SER D 131 16.92 10.15 -1.31
C SER D 131 17.16 11.14 -2.45
N PRO D 132 16.63 12.35 -2.34
CA PRO D 132 16.97 13.39 -3.33
C PRO D 132 18.43 13.83 -3.25
N VAL D 133 19.14 13.52 -2.18
CA VAL D 133 20.56 13.83 -2.06
C VAL D 133 21.34 12.69 -2.70
N VAL D 134 22.14 13.02 -3.70
CA VAL D 134 23.00 12.07 -4.38
C VAL D 134 24.40 12.64 -4.42
N ALA D 135 25.39 11.76 -4.53
CA ALA D 135 26.75 12.23 -4.66
C ALA D 135 26.95 12.93 -6.01
N SER D 136 28.03 13.69 -6.11
CA SER D 136 28.40 14.30 -7.38
C SER D 136 28.89 13.22 -8.33
N GLY D 137 28.14 13.02 -9.41
CA GLY D 137 28.28 11.80 -10.18
C GLY D 137 27.60 10.67 -9.44
N GLY D 138 27.42 9.56 -10.14
CA GLY D 138 26.70 8.46 -9.53
C GLY D 138 25.22 8.51 -9.82
N ASN D 139 24.58 7.35 -9.79
CA ASN D 139 23.21 7.18 -10.28
C ASN D 139 22.22 7.12 -9.12
N MET D 140 20.95 7.22 -9.48
CA MET D 140 19.84 7.09 -8.55
C MET D 140 18.61 6.71 -9.35
N THR D 141 17.50 6.45 -8.65
CA THR D 141 16.26 6.03 -9.27
C THR D 141 15.14 6.96 -8.86
N LEU D 142 14.36 7.41 -9.85
CA LEU D 142 13.13 8.15 -9.62
C LEU D 142 11.95 7.23 -9.85
N ARG D 143 10.88 7.43 -9.08
CA ARG D 143 9.69 6.60 -9.15
C ARG D 143 8.48 7.46 -9.49
N CYS D 144 7.95 7.28 -10.70
CA CYS D 144 6.61 7.74 -11.05
C CYS D 144 5.58 6.81 -10.42
N GLY D 145 4.46 7.38 -9.99
CA GLY D 145 3.43 6.55 -9.37
C GLY D 145 2.02 7.11 -9.42
N SER D 146 1.07 6.28 -9.82
CA SER D 146 -0.35 6.63 -9.75
C SER D 146 -1.16 5.35 -9.65
N GLN D 147 -2.41 5.51 -9.22
CA GLN D 147 -3.33 4.38 -9.14
C GLN D 147 -3.99 4.04 -10.48
N LYS D 148 -3.88 4.92 -11.46
CA LYS D 148 -4.50 4.73 -12.77
C LYS D 148 -3.51 4.60 -13.91
N GLY D 149 -2.23 4.92 -13.70
CA GLY D 149 -1.29 4.90 -14.80
C GLY D 149 -0.82 3.51 -15.13
N TYR D 150 -1.68 2.70 -15.73
CA TYR D 150 -1.38 1.30 -15.99
C TYR D 150 -0.79 1.04 -17.35
N HIS D 151 -0.51 2.07 -18.15
CA HIS D 151 0.09 1.85 -19.46
C HIS D 151 1.51 2.39 -19.56
N HIS D 152 1.72 3.68 -19.37
CA HIS D 152 3.01 4.31 -19.64
C HIS D 152 3.22 5.50 -18.71
N PHE D 153 4.48 5.74 -18.36
CA PHE D 153 4.89 6.90 -17.59
C PHE D 153 5.94 7.69 -18.36
N VAL D 154 5.91 9.00 -18.19
CA VAL D 154 6.85 9.90 -18.85
C VAL D 154 7.62 10.69 -17.80
N LEU D 155 8.94 10.72 -17.94
CA LEU D 155 9.81 11.53 -17.07
C LEU D 155 10.38 12.68 -17.90
N MET D 156 10.08 13.91 -17.50
CA MET D 156 10.61 15.10 -18.14
C MET D 156 11.60 15.81 -17.22
N LYS D 157 12.75 16.17 -17.76
CA LYS D 157 13.75 16.95 -17.04
C LYS D 157 13.71 18.40 -17.47
N GLU D 158 13.76 19.31 -16.51
CA GLU D 158 13.75 20.73 -16.81
C GLU D 158 15.01 21.12 -17.58
N GLY D 159 14.83 21.95 -18.61
CA GLY D 159 15.94 22.36 -19.44
C GLY D 159 15.49 23.10 -20.68
N GLU D 160 16.34 23.11 -21.72
CA GLU D 160 16.05 23.82 -22.95
C GLU D 160 15.55 22.87 -24.04
N HIS D 161 16.31 21.81 -24.33
CA HIS D 161 15.93 20.88 -25.38
C HIS D 161 15.96 19.45 -24.87
N GLN D 162 15.35 19.21 -23.71
CA GLN D 162 15.35 17.90 -23.09
C GLN D 162 14.24 17.03 -23.69
N LEU D 163 14.58 15.78 -24.00
CA LEU D 163 13.63 14.83 -24.58
C LEU D 163 13.05 13.93 -23.49
N PRO D 164 11.74 13.72 -23.49
CA PRO D 164 11.13 12.89 -22.44
C PRO D 164 11.51 11.42 -22.58
N ARG D 165 11.45 10.70 -21.47
CA ARG D 165 11.72 9.26 -21.42
C ARG D 165 10.44 8.54 -21.01
N THR D 166 10.14 7.43 -21.68
CA THR D 166 8.93 6.67 -21.44
C THR D 166 9.28 5.28 -20.92
N LEU D 167 8.51 4.80 -19.96
CA LEU D 167 8.66 3.45 -19.45
C LEU D 167 7.29 2.79 -19.34
N ASP D 168 7.27 1.47 -19.46
CA ASP D 168 6.08 0.70 -19.24
C ASP D 168 5.74 0.67 -17.75
N SER D 169 4.45 0.73 -17.45
CA SER D 169 3.98 0.70 -16.08
C SER D 169 4.05 -0.71 -15.52
N GLN D 170 4.21 -0.80 -14.20
CA GLN D 170 4.28 -2.08 -13.50
C GLN D 170 3.21 -2.13 -12.43
N GLN D 171 2.47 -3.24 -12.40
CA GLN D 171 1.47 -3.45 -11.35
C GLN D 171 2.15 -3.79 -10.03
N LEU D 172 1.75 -3.10 -8.97
CA LEU D 172 2.29 -3.33 -7.65
C LEU D 172 1.45 -4.36 -6.89
N HIS D 173 2.10 -5.07 -5.97
CA HIS D 173 1.39 -6.09 -5.19
C HIS D 173 0.35 -5.47 -4.28
N SER D 174 0.60 -4.30 -3.73
CA SER D 174 -0.31 -3.64 -2.81
C SER D 174 -1.33 -2.76 -3.54
N GLY D 175 -1.35 -2.78 -4.87
CA GLY D 175 -2.27 -1.94 -5.62
C GLY D 175 -1.63 -0.67 -6.11
N GLY D 176 -1.93 -0.28 -7.33
CA GLY D 176 -1.32 0.89 -7.94
C GLY D 176 -0.29 0.50 -8.99
N PHE D 177 0.29 1.51 -9.59
CA PHE D 177 1.23 1.33 -10.69
C PHE D 177 2.42 2.26 -10.50
N GLN D 178 3.56 1.83 -11.01
CA GLN D 178 4.78 2.61 -10.84
C GLN D 178 5.75 2.31 -11.98
N ALA D 179 6.67 3.23 -12.20
CA ALA D 179 7.79 3.04 -13.11
C ALA D 179 9.04 3.62 -12.46
N LEU D 180 10.16 2.91 -12.62
CA LEU D 180 11.41 3.29 -11.97
C LEU D 180 12.38 3.77 -13.03
N PHE D 181 12.74 5.06 -12.97
CA PHE D 181 13.58 5.67 -13.99
C PHE D 181 15.01 5.79 -13.49
N PRO D 182 15.99 5.21 -14.19
CA PRO D 182 17.40 5.43 -13.81
C PRO D 182 17.84 6.84 -14.16
N VAL D 183 18.39 7.55 -13.19
CA VAL D 183 18.90 8.91 -13.38
C VAL D 183 20.36 8.94 -12.98
N GLY D 184 21.21 9.43 -13.87
CA GLY D 184 22.62 9.56 -13.59
C GLY D 184 23.46 9.42 -14.83
N PRO D 185 24.76 9.81 -14.75
CA PRO D 185 25.44 10.40 -13.60
C PRO D 185 25.02 11.84 -13.36
N VAL D 186 24.87 12.26 -12.11
CA VAL D 186 24.33 13.58 -11.78
C VAL D 186 25.51 14.53 -11.66
N ASN D 187 25.86 15.20 -12.75
CA ASN D 187 26.99 16.13 -12.79
C ASN D 187 26.58 17.47 -12.20
N PRO D 188 27.45 18.07 -11.38
CA PRO D 188 27.08 19.31 -10.69
C PRO D 188 27.28 20.56 -11.53
N SER D 189 26.89 20.49 -12.80
CA SER D 189 27.01 21.64 -13.69
C SER D 189 25.72 22.44 -13.80
N HIS D 190 24.60 21.88 -13.37
CA HIS D 190 23.31 22.53 -13.49
C HIS D 190 22.36 21.90 -12.47
N ARG D 191 21.18 22.50 -12.34
CA ARG D 191 20.16 21.94 -11.47
C ARG D 191 19.49 20.73 -12.13
N TRP D 192 18.98 19.84 -11.29
CA TRP D 192 18.32 18.61 -11.74
C TRP D 192 16.89 18.62 -11.20
N ARG D 193 15.93 18.97 -12.05
CA ARG D 193 14.52 19.00 -11.69
C ARG D 193 13.72 18.18 -12.70
N PHE D 194 12.74 17.43 -12.18
CA PHE D 194 12.01 16.44 -12.95
C PHE D 194 10.53 16.54 -12.69
N THR D 195 9.74 16.09 -13.67
CA THR D 195 8.29 16.03 -13.56
C THR D 195 7.81 14.73 -14.20
N CYS D 196 6.78 14.13 -13.61
CA CYS D 196 6.26 12.82 -14.02
C CYS D 196 4.96 13.02 -14.79
N TYR D 197 4.70 12.13 -15.74
CA TYR D 197 3.44 12.11 -16.48
C TYR D 197 3.04 10.66 -16.73
N TYR D 198 1.76 10.46 -17.06
CA TYR D 198 1.33 9.19 -17.62
C TYR D 198 0.28 9.46 -18.69
N TYR D 199 0.16 8.52 -19.63
CA TYR D 199 -0.85 8.57 -20.69
C TYR D 199 -1.29 7.15 -21.01
N TYR D 200 -2.26 7.03 -21.90
CA TYR D 200 -2.82 5.74 -22.29
C TYR D 200 -2.56 5.47 -23.76
N MET D 201 -2.65 4.19 -24.13
CA MET D 201 -2.23 3.74 -25.46
C MET D 201 -3.08 4.34 -26.57
N ASN D 202 -4.38 4.49 -26.34
CA ASN D 202 -5.26 5.00 -27.37
C ASN D 202 -5.04 6.48 -27.67
N THR D 203 -4.55 7.25 -26.70
CA THR D 203 -4.27 8.68 -26.89
C THR D 203 -2.86 8.97 -26.40
N PRO D 204 -1.84 8.70 -27.23
CA PRO D 204 -0.45 8.90 -26.79
C PRO D 204 -0.07 10.34 -26.55
N GLN D 205 -0.79 11.31 -27.13
CA GLN D 205 -0.45 12.72 -27.00
C GLN D 205 -1.32 13.45 -25.98
N VAL D 206 -2.09 12.72 -25.19
CA VAL D 206 -2.93 13.31 -24.15
C VAL D 206 -2.39 12.82 -22.81
N TRP D 207 -1.77 13.71 -22.06
CA TRP D 207 -1.08 13.35 -20.82
C TRP D 207 -1.84 13.87 -19.62
N SER D 208 -1.46 13.35 -18.45
CA SER D 208 -2.08 13.74 -17.20
C SER D 208 -1.54 15.11 -16.75
N HIS D 209 -2.05 15.58 -15.62
CA HIS D 209 -1.49 16.76 -15.01
C HIS D 209 -0.06 16.46 -14.55
N PRO D 210 0.86 17.42 -14.68
CA PRO D 210 2.24 17.16 -14.27
C PRO D 210 2.35 16.88 -12.78
N SER D 211 3.28 15.99 -12.45
CA SER D 211 3.62 15.75 -11.05
C SER D 211 4.27 16.99 -10.45
N ASP D 212 4.25 17.06 -9.13
CA ASP D 212 4.98 18.12 -8.44
C ASP D 212 6.46 17.99 -8.78
N PRO D 213 7.15 19.09 -9.12
CA PRO D 213 8.57 18.98 -9.48
C PRO D 213 9.41 18.47 -8.32
N LEU D 214 10.45 17.70 -8.66
CA LEU D 214 11.38 17.15 -7.69
C LEU D 214 12.79 17.56 -8.09
N GLU D 215 13.54 18.10 -7.14
CA GLU D 215 14.90 18.57 -7.38
C GLU D 215 15.90 17.59 -6.76
N ILE D 216 17.00 17.37 -7.48
CA ILE D 216 18.07 16.48 -7.05
C ILE D 216 19.31 17.31 -6.76
N LEU D 217 19.93 17.09 -5.61
CA LEU D 217 21.10 17.85 -5.19
C LEU D 217 22.35 17.00 -5.27
N PRO D 218 23.32 17.34 -6.11
CA PRO D 218 24.60 16.62 -6.11
C PRO D 218 25.49 17.10 -4.98
N SER D 219 25.97 16.15 -4.17
CA SER D 219 26.76 16.45 -2.98
C SER D 219 28.21 16.05 -3.23
N GLY D 220 29.13 17.00 -3.00
CA GLY D 220 30.54 16.80 -3.30
C GLY D 220 31.37 16.53 -2.07
N VAL D 221 32.66 16.86 -2.18
CA VAL D 221 33.63 16.61 -1.13
C VAL D 221 34.12 17.92 -0.50
N SER D 222 33.41 19.01 -0.72
CA SER D 222 33.73 20.27 -0.07
C SER D 222 33.45 20.17 1.43
N ARG D 223 34.11 21.04 2.20
CA ARG D 223 34.04 20.94 3.65
C ARG D 223 32.60 21.04 4.14
N LYS D 224 32.22 20.11 5.01
CA LYS D 224 30.87 20.00 5.52
C LYS D 224 30.52 21.17 6.42
N PRO D 225 29.26 21.57 6.48
CA PRO D 225 28.82 22.58 7.42
C PRO D 225 28.73 21.99 8.83
N SER D 226 28.26 22.80 9.76
CA SER D 226 27.99 22.37 11.13
C SER D 226 26.51 22.56 11.40
N LEU D 227 25.85 21.53 11.90
CA LEU D 227 24.42 21.59 12.21
C LEU D 227 24.24 21.46 13.71
N LEU D 228 23.71 22.51 14.33
CA LEU D 228 23.49 22.56 15.76
C LEU D 228 22.03 22.84 16.05
N THR D 229 21.56 22.33 17.18
CA THR D 229 20.20 22.58 17.65
C THR D 229 20.25 23.47 18.89
N LEU D 230 19.34 24.42 18.95
CA LEU D 230 19.29 25.35 20.07
C LEU D 230 18.56 24.79 21.27
N GLN D 231 17.81 23.69 21.11
CA GLN D 231 16.98 23.14 22.16
C GLN D 231 17.62 21.89 22.75
N GLY D 232 16.93 21.28 23.71
CA GLY D 232 17.50 20.19 24.46
C GLY D 232 17.51 18.90 23.67
N PRO D 233 17.99 17.83 24.32
CA PRO D 233 18.05 16.52 23.66
C PRO D 233 16.68 16.02 23.20
N VAL D 234 15.74 15.97 24.13
CA VAL D 234 14.40 15.46 23.89
C VAL D 234 13.44 16.63 23.88
N LEU D 235 12.60 16.70 22.85
CA LEU D 235 11.67 17.81 22.68
C LEU D 235 10.26 17.37 23.08
N ALA D 236 9.62 18.16 23.91
CA ALA D 236 8.21 17.94 24.23
C ALA D 236 7.34 18.44 23.09
N PRO D 237 6.18 17.83 22.87
CA PRO D 237 5.29 18.30 21.80
C PRO D 237 4.82 19.72 22.05
N GLY D 238 4.87 20.54 21.02
CA GLY D 238 4.48 21.94 21.10
C GLY D 238 5.64 22.90 21.26
N GLN D 239 6.83 22.41 21.57
CA GLN D 239 7.99 23.28 21.71
C GLN D 239 8.40 23.86 20.36
N SER D 240 9.16 24.95 20.42
CA SER D 240 9.73 25.56 19.22
C SER D 240 11.12 25.01 18.99
N LEU D 241 11.41 24.64 17.75
CA LEU D 241 12.69 24.07 17.36
C LEU D 241 13.32 24.95 16.28
N THR D 242 14.59 25.29 16.47
CA THR D 242 15.35 26.04 15.47
C THR D 242 16.66 25.30 15.21
N LEU D 243 16.84 24.88 13.97
CA LEU D 243 18.09 24.27 13.55
C LEU D 243 18.98 25.30 12.88
N GLN D 244 20.28 25.21 13.13
CA GLN D 244 21.22 26.24 12.71
C GLN D 244 22.40 25.60 12.00
N CYS D 245 22.59 25.96 10.74
CA CYS D 245 23.79 25.57 9.99
C CYS D 245 24.81 26.70 10.04
N GLY D 246 26.07 26.33 9.86
CA GLY D 246 27.14 27.31 9.88
C GLY D 246 28.33 26.79 9.10
N SER D 247 29.09 27.72 8.54
CA SER D 247 30.25 27.37 7.74
C SER D 247 31.35 28.39 7.94
N ASP D 248 32.59 27.91 7.99
CA ASP D 248 33.76 28.78 8.06
C ASP D 248 34.44 28.95 6.71
N VAL D 249 33.86 28.44 5.63
CA VAL D 249 34.35 28.67 4.29
C VAL D 249 33.47 29.64 3.51
N GLY D 250 32.38 30.12 4.10
CA GLY D 250 31.57 31.14 3.50
C GLY D 250 30.57 30.65 2.46
N TYR D 251 29.73 29.69 2.84
CA TYR D 251 28.68 29.22 1.95
C TYR D 251 27.56 30.25 1.89
N ASP D 252 26.97 30.38 0.70
CA ASP D 252 25.89 31.35 0.49
C ASP D 252 24.50 30.76 0.66
N ARG D 253 24.32 29.49 0.29
CA ARG D 253 23.04 28.82 0.42
C ARG D 253 23.18 27.64 1.39
N PHE D 254 22.09 27.33 2.08
CA PHE D 254 22.04 26.18 2.97
C PHE D 254 20.76 25.41 2.71
N VAL D 255 20.88 24.08 2.67
CA VAL D 255 19.75 23.19 2.49
C VAL D 255 19.72 22.21 3.67
N LEU D 256 18.56 22.11 4.31
CA LEU D 256 18.36 21.18 5.41
C LEU D 256 17.48 20.02 4.92
N TYR D 257 17.97 18.80 5.04
CA TYR D 257 17.23 17.62 4.62
C TYR D 257 17.05 16.65 5.78
N LYS D 258 15.82 16.16 5.95
CA LYS D 258 15.49 15.14 6.94
C LYS D 258 15.36 13.80 6.23
N GLU D 259 16.02 12.78 6.78
CA GLU D 259 16.06 11.47 6.13
C GLU D 259 14.67 10.89 5.92
N GLY D 260 14.44 10.30 4.74
CA GLY D 260 13.18 9.69 4.42
C GLY D 260 12.12 10.61 3.86
N GLU D 261 12.42 11.87 3.66
CA GLU D 261 11.45 12.81 3.13
C GLU D 261 11.59 12.95 1.61
N ARG D 262 10.59 13.58 1.00
CA ARG D 262 10.60 13.81 -0.43
C ARG D 262 11.41 15.05 -0.80
N ASP D 263 11.14 16.17 -0.12
CA ASP D 263 11.76 17.46 -0.42
C ASP D 263 12.70 17.88 0.70
N PHE D 264 13.33 19.04 0.52
CA PHE D 264 14.22 19.63 1.50
C PHE D 264 13.85 21.09 1.72
N LEU D 265 14.44 21.68 2.75
CA LEU D 265 14.32 23.10 3.01
C LEU D 265 15.53 23.84 2.45
N GLN D 266 15.38 25.14 2.27
CA GLN D 266 16.44 25.94 1.68
C GLN D 266 16.37 27.37 2.21
N ARG D 267 17.48 27.85 2.76
CA ARG D 267 17.60 29.22 3.23
C ARG D 267 18.89 29.83 2.70
N PRO D 268 18.90 31.14 2.47
CA PRO D 268 20.17 31.83 2.20
C PRO D 268 20.98 32.01 3.48
N GLY D 269 22.30 32.09 3.30
CA GLY D 269 23.21 32.25 4.42
C GLY D 269 23.51 33.70 4.70
N GLN D 270 23.47 34.07 5.99
CA GLN D 270 23.79 35.41 6.43
C GLN D 270 25.28 35.49 6.76
N GLN D 271 25.93 36.57 6.34
CA GLN D 271 27.35 36.79 6.57
C GLN D 271 27.57 38.15 7.22
N PRO D 272 27.32 38.28 8.53
CA PRO D 272 27.68 39.52 9.22
C PRO D 272 29.18 39.76 9.18
N GLN D 273 29.94 38.70 9.39
CA GLN D 273 31.39 38.71 9.24
C GLN D 273 31.79 37.84 8.06
N ALA D 274 32.67 38.36 7.21
CA ALA D 274 33.06 37.65 6.00
C ALA D 274 33.79 36.36 6.35
N GLY D 275 33.46 35.29 5.63
CA GLY D 275 34.07 34.00 5.86
C GLY D 275 33.39 33.12 6.88
N LEU D 276 32.31 33.58 7.50
CA LEU D 276 31.59 32.80 8.51
C LEU D 276 30.09 33.04 8.29
N SER D 277 29.45 32.11 7.60
CA SER D 277 28.04 32.22 7.26
C SER D 277 27.21 31.26 8.09
N GLN D 278 25.92 31.54 8.19
CA GLN D 278 25.01 30.72 8.97
C GLN D 278 23.58 30.92 8.47
N ALA D 279 22.72 29.98 8.82
CA ALA D 279 21.31 30.07 8.50
C ALA D 279 20.51 29.35 9.57
N ASN D 280 19.32 29.86 9.85
CA ASN D 280 18.43 29.30 10.86
C ASN D 280 17.20 28.70 10.20
N PHE D 281 16.86 27.48 10.61
CA PHE D 281 15.69 26.76 10.10
C PHE D 281 14.68 26.67 11.24
N THR D 282 13.76 27.62 11.30
CA THR D 282 12.72 27.63 12.32
C THR D 282 11.61 26.66 11.91
N LEU D 283 11.46 25.58 12.66
CA LEU D 283 10.49 24.54 12.35
C LEU D 283 9.19 24.69 13.11
N GLY D 284 9.03 25.73 13.92
CA GLY D 284 7.80 26.01 14.61
C GLY D 284 7.50 25.01 15.71
N PRO D 285 6.24 24.93 16.12
CA PRO D 285 5.85 23.95 17.15
C PRO D 285 6.03 22.54 16.63
N VAL D 286 6.71 21.71 17.42
CA VAL D 286 7.12 20.38 16.98
C VAL D 286 5.97 19.40 17.13
N SER D 287 5.78 18.56 16.12
CA SER D 287 4.86 17.45 16.13
C SER D 287 5.66 16.16 15.95
N ARG D 288 4.95 15.03 15.81
CA ARG D 288 5.63 13.76 15.61
C ARG D 288 6.40 13.72 14.30
N SER D 289 5.96 14.50 13.30
CA SER D 289 6.65 14.53 12.01
C SER D 289 7.99 15.24 12.07
N HIS D 290 8.30 15.93 13.17
CA HIS D 290 9.60 16.58 13.33
C HIS D 290 10.67 15.65 13.88
N GLY D 291 10.31 14.46 14.35
CA GLY D 291 11.29 13.51 14.82
C GLY D 291 11.96 12.76 13.68
N GLY D 292 13.29 12.86 13.60
CA GLY D 292 14.00 12.20 12.52
C GLY D 292 15.48 12.55 12.56
N GLN D 293 16.18 12.16 11.50
CA GLN D 293 17.59 12.42 11.34
C GLN D 293 17.78 13.55 10.33
N TYR D 294 18.60 14.53 10.69
CA TYR D 294 18.74 15.75 9.91
C TYR D 294 20.18 15.95 9.47
N ARG D 295 20.34 16.45 8.25
CA ARG D 295 21.64 16.87 7.73
C ARG D 295 21.44 18.16 6.96
N CYS D 296 22.51 18.93 6.80
CA CYS D 296 22.41 20.15 6.02
C CYS D 296 23.67 20.37 5.21
N TYR D 297 23.51 21.07 4.09
CA TYR D 297 24.52 21.21 3.05
C TYR D 297 24.63 22.68 2.68
N GLY D 298 25.80 23.06 2.17
CA GLY D 298 26.03 24.43 1.76
C GLY D 298 26.64 24.49 0.37
N ALA D 299 26.33 25.56 -0.35
CA ALA D 299 26.83 25.77 -1.69
C ALA D 299 27.19 27.24 -1.88
N HIS D 300 28.08 27.50 -2.83
CA HIS D 300 28.53 28.86 -3.10
C HIS D 300 27.56 29.56 -4.04
N ASN D 301 27.91 30.78 -4.43
CA ASN D 301 26.94 31.66 -5.09
C ASN D 301 26.66 31.22 -6.52
N LEU D 302 27.69 30.84 -7.27
CA LEU D 302 27.56 30.50 -8.68
C LEU D 302 27.91 29.04 -8.95
N SER D 303 27.60 28.16 -8.01
CA SER D 303 27.88 26.74 -8.15
C SER D 303 26.63 25.93 -7.83
N SER D 304 26.41 24.88 -8.61
CA SER D 304 25.31 23.94 -8.37
C SER D 304 25.77 22.71 -7.61
N GLU D 305 27.03 22.65 -7.21
CA GLU D 305 27.54 21.57 -6.37
C GLU D 305 27.39 21.94 -4.90
N TRP D 306 26.92 20.98 -4.11
CA TRP D 306 26.75 21.17 -2.68
C TRP D 306 27.89 20.49 -1.92
N SER D 307 28.05 20.89 -0.67
CA SER D 307 29.15 20.41 0.16
C SER D 307 28.87 18.99 0.65
N ALA D 308 29.81 18.44 1.40
CA ALA D 308 29.58 17.19 2.08
C ALA D 308 28.51 17.37 3.14
N PRO D 309 27.79 16.31 3.51
CA PRO D 309 26.78 16.45 4.56
C PRO D 309 27.40 16.77 5.90
N SER D 310 26.63 17.47 6.73
CA SER D 310 27.00 17.66 8.11
C SER D 310 26.95 16.34 8.86
N ASP D 311 27.42 16.35 10.09
CA ASP D 311 27.15 15.25 11.01
C ASP D 311 25.65 15.19 11.28
N PRO D 312 25.05 14.00 11.26
CA PRO D 312 23.60 13.90 11.43
C PRO D 312 23.17 14.38 12.81
N LEU D 313 21.99 14.99 12.85
CA LEU D 313 21.38 15.45 14.08
C LEU D 313 20.03 14.77 14.25
N ASN D 314 19.82 14.13 15.38
CA ASN D 314 18.61 13.36 15.65
C ASN D 314 17.71 14.14 16.59
N ILE D 315 16.45 14.28 16.19
CA ILE D 315 15.45 15.02 16.96
C ILE D 315 14.49 14.00 17.55
N LEU D 316 14.42 13.95 18.87
CA LEU D 316 13.58 12.99 19.58
C LEU D 316 12.34 13.70 20.12
N MET D 317 11.19 13.04 20.01
CA MET D 317 9.91 13.60 20.44
C MET D 317 9.35 12.74 21.56
N ALA D 318 9.25 13.31 22.76
CA ALA D 318 8.68 12.60 23.90
C ALA D 318 7.17 12.63 23.86
N GLY D 319 6.57 11.83 24.75
CA GLY D 319 5.13 11.80 24.85
C GLY D 319 4.40 11.31 23.62
N GLN D 320 4.97 10.36 22.90
CA GLN D 320 4.32 9.77 21.74
C GLN D 320 3.77 8.38 22.01
N ILE D 321 4.34 7.69 22.99
CA ILE D 321 3.94 6.34 23.37
C ILE D 321 3.42 6.40 24.80
N TYR D 322 2.27 5.77 25.04
CA TYR D 322 1.64 5.80 26.36
C TYR D 322 2.03 4.62 27.23
N ASP D 323 2.87 3.71 26.73
CA ASP D 323 3.44 2.69 27.59
C ASP D 323 4.39 3.33 28.60
N THR D 324 4.42 2.78 29.80
CA THR D 324 5.11 3.40 30.92
C THR D 324 6.51 2.83 31.12
N VAL D 325 7.44 3.71 31.49
CA VAL D 325 8.78 3.33 31.91
C VAL D 325 9.01 3.90 33.30
N SER D 326 9.94 3.28 34.03
CA SER D 326 10.29 3.73 35.37
C SER D 326 11.79 3.64 35.55
N LEU D 327 12.32 4.48 36.43
CA LEU D 327 13.75 4.57 36.68
C LEU D 327 14.04 4.39 38.17
N SER D 328 15.07 3.63 38.48
CA SER D 328 15.42 3.38 39.88
C SER D 328 16.91 3.06 39.98
N ALA D 329 17.55 3.55 41.03
CA ALA D 329 18.93 3.20 41.32
C ALA D 329 18.98 1.88 42.07
N GLN D 330 19.81 0.96 41.58
CA GLN D 330 19.84 -0.40 42.11
C GLN D 330 20.28 -0.41 43.58
N PRO D 331 21.40 0.24 43.97
CA PRO D 331 21.68 0.36 45.41
C PRO D 331 20.71 1.30 46.10
N GLY D 332 20.56 2.50 45.55
CA GLY D 332 19.68 3.50 46.10
C GLY D 332 20.01 4.89 45.58
N PRO D 333 19.09 5.83 45.76
CA PRO D 333 19.32 7.20 45.28
C PRO D 333 20.54 7.84 45.94
N THR D 334 20.62 7.75 47.27
CA THR D 334 21.73 8.33 48.01
C THR D 334 22.85 7.29 48.12
N VAL D 335 24.02 7.63 47.59
CA VAL D 335 25.18 6.74 47.59
C VAL D 335 26.42 7.54 47.95
N ALA D 336 27.50 6.81 48.22
CA ALA D 336 28.80 7.40 48.48
C ALA D 336 29.72 7.22 47.28
N SER D 337 30.65 8.15 47.13
CA SER D 337 31.57 8.11 45.99
C SER D 337 32.44 6.86 46.03
N GLY D 338 32.69 6.30 44.86
CA GLY D 338 33.45 5.08 44.73
C GLY D 338 32.64 3.80 44.80
N GLU D 339 31.36 3.88 45.13
CA GLU D 339 30.50 2.71 45.17
C GLU D 339 29.98 2.38 43.78
N ASN D 340 29.51 1.16 43.62
CA ASN D 340 28.94 0.69 42.35
C ASN D 340 27.48 1.12 42.29
N VAL D 341 27.17 2.00 41.34
CA VAL D 341 25.82 2.54 41.17
C VAL D 341 25.35 2.22 39.77
N THR D 342 24.14 1.65 39.67
CA THR D 342 23.55 1.30 38.38
C THR D 342 22.15 1.88 38.33
N LEU D 343 21.86 2.63 37.26
CA LEU D 343 20.51 3.11 37.01
C LEU D 343 19.77 2.12 36.12
N LEU D 344 18.55 1.79 36.51
CA LEU D 344 17.77 0.74 35.86
C LEU D 344 16.47 1.33 35.35
N CYS D 345 16.32 1.36 34.03
CA CYS D 345 15.06 1.74 33.39
C CYS D 345 14.36 0.46 32.95
N GLN D 346 13.13 0.28 33.40
CA GLN D 346 12.38 -0.95 33.16
C GLN D 346 10.96 -0.62 32.76
N SER D 347 10.31 -1.58 32.10
CA SER D 347 8.94 -1.40 31.67
C SER D 347 8.23 -2.74 31.64
N TRP D 348 6.94 -2.72 31.93
CA TRP D 348 6.09 -3.89 31.74
C TRP D 348 5.83 -4.16 30.26
N TRP D 349 5.91 -3.11 29.43
CA TRP D 349 5.78 -3.27 27.99
C TRP D 349 7.13 -3.62 27.38
N GLN D 350 7.08 -4.34 26.26
CA GLN D 350 8.30 -4.83 25.60
C GLN D 350 8.84 -3.78 24.64
N PHE D 351 9.46 -2.75 25.23
CA PHE D 351 10.17 -1.75 24.46
C PHE D 351 11.42 -2.36 23.82
N ASP D 352 11.90 -1.71 22.76
CA ASP D 352 13.11 -2.17 22.09
C ASP D 352 14.38 -1.58 22.68
N THR D 353 14.37 -0.29 23.00
CA THR D 353 15.52 0.37 23.60
C THR D 353 15.04 1.31 24.69
N PHE D 354 15.99 1.72 25.53
CA PHE D 354 15.77 2.74 26.55
C PHE D 354 16.79 3.83 26.38
N LEU D 355 16.39 5.06 26.72
CA LEU D 355 17.25 6.23 26.60
C LEU D 355 17.29 6.93 27.94
N LEU D 356 18.50 7.16 28.47
CA LEU D 356 18.70 7.82 29.75
C LEU D 356 19.10 9.27 29.50
N THR D 357 18.37 10.19 30.12
CA THR D 357 18.59 11.62 29.97
C THR D 357 18.91 12.24 31.33
N LYS D 358 20.00 13.00 31.38
CA LYS D 358 20.38 13.76 32.57
C LYS D 358 19.98 15.22 32.38
N GLU D 359 19.33 15.78 33.40
CA GLU D 359 18.89 17.16 33.31
C GLU D 359 20.09 18.11 33.32
N GLY D 360 20.11 19.03 32.35
CA GLY D 360 21.21 19.94 32.17
C GLY D 360 22.26 19.47 31.18
N ALA D 361 22.28 18.18 30.87
CA ALA D 361 23.23 17.66 29.88
C ALA D 361 22.79 18.03 28.47
N ALA D 362 23.72 18.55 27.68
CA ALA D 362 23.43 18.96 26.31
C ALA D 362 23.69 17.87 25.28
N HIS D 363 24.52 16.89 25.60
CA HIS D 363 24.82 15.82 24.66
C HIS D 363 23.60 14.90 24.49
N PRO D 364 23.53 14.17 23.38
CA PRO D 364 22.38 13.30 23.14
C PRO D 364 22.27 12.21 24.20
N PRO D 365 21.07 11.71 24.46
CA PRO D 365 20.88 10.67 25.47
C PRO D 365 21.59 9.38 25.06
N LEU D 366 21.85 8.55 26.07
CA LEU D 366 22.53 7.27 25.85
C LEU D 366 21.48 6.18 25.62
N ARG D 367 21.60 5.48 24.50
CA ARG D 367 20.65 4.45 24.11
C ARG D 367 21.20 3.07 24.41
N LEU D 368 20.36 2.21 24.99
CA LEU D 368 20.71 0.82 25.24
C LEU D 368 19.52 -0.06 24.92
N ARG D 369 19.80 -1.20 24.29
CA ARG D 369 18.76 -2.19 24.01
C ARG D 369 18.23 -2.78 25.31
N SER D 370 16.99 -3.24 25.26
CA SER D 370 16.34 -3.81 26.43
C SER D 370 16.53 -5.32 26.48
N MET D 371 16.64 -5.84 27.70
CA MET D 371 16.70 -7.28 27.94
C MET D 371 15.46 -7.71 28.69
N TYR D 372 15.11 -8.98 28.54
CA TYR D 372 13.97 -9.58 29.24
C TYR D 372 14.44 -10.09 30.59
N GLY D 373 13.81 -9.61 31.66
CA GLY D 373 14.18 -10.02 32.99
C GLY D 373 13.10 -10.79 33.71
N ALA D 374 12.96 -10.56 35.01
CA ALA D 374 11.93 -11.23 35.81
C ALA D 374 10.59 -10.56 35.52
N HIS D 375 9.95 -10.98 34.44
CA HIS D 375 8.66 -10.49 33.97
C HIS D 375 8.67 -9.01 33.65
N LYS D 376 9.85 -8.42 33.40
CA LYS D 376 9.99 -7.02 33.00
C LYS D 376 11.00 -6.95 31.86
N TYR D 377 11.01 -5.80 31.18
CA TYR D 377 12.02 -5.48 30.18
C TYR D 377 12.79 -4.29 30.71
N GLN D 378 14.13 -4.37 30.68
CA GLN D 378 14.95 -3.39 31.35
C GLN D 378 16.28 -3.21 30.64
N ALA D 379 16.94 -2.09 30.94
CA ALA D 379 18.31 -1.83 30.55
C ALA D 379 19.03 -1.26 31.76
N GLU D 380 20.31 -1.60 31.89
CA GLU D 380 21.12 -1.17 33.02
C GLU D 380 22.13 -0.13 32.55
N PHE D 381 22.15 1.02 33.20
CA PHE D 381 23.04 2.11 32.81
C PHE D 381 24.14 2.25 33.85
N PRO D 382 25.32 1.67 33.62
CA PRO D 382 26.32 1.55 34.69
C PRO D 382 26.98 2.90 34.99
N MET D 383 27.01 3.25 36.27
CA MET D 383 27.72 4.45 36.72
C MET D 383 28.71 4.07 37.80
N SER D 384 29.43 2.97 37.59
CA SER D 384 30.39 2.45 38.55
C SER D 384 31.80 2.56 38.01
N PRO D 385 32.72 3.20 38.73
CA PRO D 385 32.55 3.84 40.04
C PRO D 385 31.85 5.20 39.91
N VAL D 386 31.12 5.62 40.93
CA VAL D 386 30.38 6.88 40.86
C VAL D 386 31.25 8.02 41.39
N THR D 387 31.29 9.11 40.65
CA THR D 387 32.01 10.30 41.05
C THR D 387 31.02 11.37 41.51
N SER D 388 31.53 12.55 41.84
CA SER D 388 30.66 13.66 42.23
C SER D 388 30.04 14.36 41.03
N ALA D 389 30.49 14.07 39.82
CA ALA D 389 29.93 14.66 38.61
C ALA D 389 28.70 13.92 38.11
N HIS D 390 28.37 12.78 38.70
CA HIS D 390 27.21 12.01 38.30
C HIS D 390 25.93 12.45 39.01
N ALA D 391 26.04 13.34 39.99
CA ALA D 391 24.86 13.81 40.70
C ALA D 391 24.00 14.68 39.80
N GLY D 392 22.70 14.56 39.96
CA GLY D 392 21.77 15.35 39.17
C GLY D 392 20.44 14.63 39.06
N THR D 393 19.62 15.11 38.12
CA THR D 393 18.30 14.57 37.86
C THR D 393 18.34 13.73 36.60
N TYR D 394 17.80 12.51 36.68
CA TYR D 394 17.82 11.58 35.56
C TYR D 394 16.40 11.20 35.18
N ARG D 395 16.18 11.01 33.89
CA ARG D 395 14.93 10.49 33.35
C ARG D 395 15.26 9.43 32.30
N CYS D 396 14.31 8.52 32.08
CA CYS D 396 14.48 7.50 31.07
C CYS D 396 13.23 7.41 30.20
N TYR D 397 13.43 6.96 28.98
CA TYR D 397 12.39 6.86 27.97
C TYR D 397 12.46 5.49 27.31
N GLY D 398 11.32 5.03 26.80
CA GLY D 398 11.29 3.85 25.96
C GLY D 398 11.02 4.18 24.51
N SER D 399 11.42 3.30 23.60
CA SER D 399 11.11 3.48 22.19
C SER D 399 11.08 2.13 21.49
N TYR D 400 10.39 2.09 20.36
CA TYR D 400 10.36 0.93 19.47
C TYR D 400 11.18 1.22 18.23
N SER D 401 11.75 0.15 17.65
CA SER D 401 12.65 0.26 16.52
C SER D 401 11.95 0.66 15.22
N SER D 402 10.61 0.59 15.17
CA SER D 402 9.90 1.02 13.97
C SER D 402 10.11 2.50 13.70
N ASN D 403 10.12 3.32 14.75
CA ASN D 403 10.48 4.74 14.63
C ASN D 403 11.26 5.09 15.89
N PRO D 404 12.59 5.02 15.85
CA PRO D 404 13.40 5.24 17.04
C PRO D 404 13.53 6.69 17.48
N HIS D 405 12.80 7.62 16.86
CA HIS D 405 12.82 9.02 17.26
C HIS D 405 11.58 9.43 18.03
N LEU D 406 10.54 8.61 18.03
CA LEU D 406 9.33 8.85 18.80
C LEU D 406 9.45 8.09 20.13
N LEU D 407 9.43 8.83 21.23
CA LEU D 407 9.68 8.26 22.55
C LEU D 407 8.41 8.22 23.37
N SER D 408 8.49 7.57 24.51
CA SER D 408 7.39 7.51 25.46
C SER D 408 7.40 8.78 26.31
N PHE D 409 6.48 8.87 27.27
CA PHE D 409 6.54 9.93 28.24
C PHE D 409 7.72 9.70 29.19
N PRO D 410 8.32 10.77 29.70
CA PRO D 410 9.46 10.59 30.60
C PRO D 410 9.06 9.90 31.89
N SER D 411 9.98 9.13 32.44
CA SER D 411 9.77 8.52 33.74
C SER D 411 9.81 9.59 34.83
N GLU D 412 9.39 9.21 36.02
CA GLU D 412 9.50 10.12 37.15
C GLU D 412 10.97 10.43 37.41
N PRO D 413 11.32 11.71 37.59
CA PRO D 413 12.73 12.07 37.78
C PRO D 413 13.33 11.40 39.00
N LEU D 414 14.58 10.98 38.88
CA LEU D 414 15.32 10.38 39.97
C LEU D 414 16.49 11.27 40.33
N GLU D 415 16.68 11.50 41.63
CA GLU D 415 17.76 12.33 42.14
C GLU D 415 18.88 11.42 42.61
N LEU D 416 20.05 11.52 41.97
CA LEU D 416 21.21 10.73 42.37
C LEU D 416 22.07 11.58 43.28
N MET D 417 22.12 11.21 44.56
CA MET D 417 22.86 11.95 45.57
C MET D 417 24.17 11.25 45.88
N VAL D 418 25.27 11.99 45.79
CA VAL D 418 26.60 11.45 46.08
C VAL D 418 27.21 12.25 47.23
N SER D 419 28.05 11.58 47.99
CA SER D 419 28.73 12.19 49.12
C SER D 419 30.06 11.50 49.34
N GLY D 420 31.04 12.26 49.83
CA GLY D 420 32.37 11.72 50.08
C GLY D 420 32.47 10.93 51.38
#